data_5NJ6
#
_entry.id   5NJ6
#
_cell.length_a   164.144
_cell.length_b   38.520
_cell.length_c   159.660
_cell.angle_alpha   90.00
_cell.angle_beta   90.00
_cell.angle_gamma   90.00
#
_symmetry.space_group_name_H-M   'P 21 21 2'
#
loop_
_entity.id
_entity.type
_entity.pdbx_description
1 polymer 'Proteinase-activated receptor 2,Soluble cytochrome b562,Proteinase-activated receptor 2'
2 polymer 'Fab3949 H'
3 polymer 'Fab3949 L'
#
loop_
_entity_poly.entity_id
_entity_poly.type
_entity_poly.pdbx_seq_one_letter_code
_entity_poly.pdbx_strand_id
1 'polypeptide(L)'
;MVETVFSVDEFSASVLTGKLTTVFLPIVYTIVFVVALPSNGMALWVFLFRTKKKAPAVIYMANLALADLLSVIWFPLKIA
YHIHGNNWIYGEALCNVLIGFFYANMYCSILFLTCLSVQRAWEIVNPMGHSRKKANIAIGISLAIWLLILLVTIPLYVVK
QTIFIPALQITTCHDVLPEQLLVGDMFNYFLSLAIGVFLFPAFLTASAYVLMIRALADLEDNWETLNDNLKVIEKADNAA
QVKDALTKMRAAALDAQKATPPKLEDKSPDSPEMKDFRHGFDILVGQIDDALKLANEGKVKEAQAAAEQLKTTRNAYIQK
YLENSEKKRKRAIKLAVTVAAMYLICFTPSNLLLVVHYFLIKSQGQSHVYALYIVALCLSTLNSCIDPFVYYFVSHDFRD
HAKNALLCRSVRTVKQMQVSLTSKAAAHHHHHHHHHH
;
A
2 'polypeptide(L)'
;EVILVESGGGLVKPGGSLKLSCAASGFTFSSYAMSWVRQTPEKRLEWVATISGIGSYTYYPDSVKGRFTISRDNAKNTLY
LQMSSLRSEDTAMYYCSRQDYYGSSYDYWGQGTTLTVSSAKTTAPSVYPLAPVCGDTTGSSVTLGCLVKGYFPEPVTLTW
NSGSLSSGVHTFPAVLQSDLYTLSSSVTVTSSTWPSQSITCNVAHPASSTKVDKKIEPR
;
H
3 'polypeptide(L)'
;QIVLTQSPAIMSASLGERVTMTCTASSSISSSYLHWYQQKPGSSPKLWIYSTSNLASGVPARFSGSGSGTSYSLTISSME
AEDAATYYCHQFHRSPYTFGGGTKLEIKRADAAPTVSIFPPSSEQLTSGGASVVCFLNNFYPKDINVKWKIDGSERQNGV
LNSWTDQDSKDSTYSMSSTLTLTKDEYERHNSYTCEATHKTSTSPIVKSFNRN
;
L
#
# COMPACT_ATOMS: atom_id res chain seq x y z
N PHE A 6 -6.32 10.78 10.33
CA PHE A 6 -7.21 10.45 11.44
C PHE A 6 -6.70 9.25 12.24
N SER A 7 -6.22 8.22 11.54
CA SER A 7 -5.66 7.02 12.17
C SER A 7 -4.81 6.29 11.13
N VAL A 8 -3.50 6.09 11.41
CA VAL A 8 -2.64 5.43 10.43
C VAL A 8 -2.73 3.93 10.57
N ASP A 9 -1.97 3.21 9.73
CA ASP A 9 -1.92 1.75 9.76
C ASP A 9 -1.23 1.32 11.03
N GLU A 10 -1.50 0.09 11.46
CA GLU A 10 -0.96 -0.45 12.70
C GLU A 10 0.56 -0.49 12.71
N PHE A 11 1.16 -0.88 11.58
CA PHE A 11 2.61 -0.98 11.47
C PHE A 11 3.29 0.37 11.65
N SER A 12 2.66 1.44 11.16
CA SER A 12 3.20 2.79 11.30
C SER A 12 3.01 3.29 12.73
N ALA A 13 1.83 3.04 13.30
CA ALA A 13 1.48 3.48 14.65
C ALA A 13 2.39 2.86 15.72
N SER A 14 2.88 1.63 15.48
CA SER A 14 3.78 0.95 16.39
C SER A 14 5.17 1.57 16.31
N VAL A 15 5.60 1.92 15.08
CA VAL A 15 6.90 2.56 14.84
C VAL A 15 6.90 3.95 15.45
N LEU A 16 5.79 4.68 15.28
CA LEU A 16 5.66 6.04 15.80
C LEU A 16 5.51 6.12 17.30
N THR A 17 5.42 4.97 17.96
CA THR A 17 5.33 4.88 19.42
C THR A 17 6.48 4.05 19.98
N GLY A 18 7.21 3.40 19.06
CA GLY A 18 8.35 2.56 19.40
C GLY A 18 9.59 3.34 19.78
N LYS A 19 10.57 2.62 20.33
CA LYS A 19 11.83 3.20 20.79
C LYS A 19 12.75 3.54 19.63
N LEU A 20 12.52 2.90 18.47
CA LEU A 20 13.30 3.17 17.28
C LEU A 20 13.27 4.64 16.92
N THR A 21 12.10 5.26 17.01
CA THR A 21 11.94 6.67 16.68
C THR A 21 12.16 7.59 17.88
N THR A 22 11.74 7.13 19.05
CA THR A 22 11.76 7.94 20.28
C THR A 22 13.03 7.84 21.09
N VAL A 23 13.91 6.89 20.76
CA VAL A 23 15.14 6.69 21.51
C VAL A 23 16.35 6.59 20.60
N PHE A 24 16.31 5.71 19.61
CA PHE A 24 17.43 5.50 18.70
C PHE A 24 17.73 6.75 17.89
N LEU A 25 16.70 7.30 17.26
CA LEU A 25 16.83 8.49 16.42
C LEU A 25 17.40 9.68 17.17
N PRO A 26 16.80 10.13 18.30
CA PRO A 26 17.34 11.32 18.97
C PRO A 26 18.77 11.15 19.44
N ILE A 27 19.20 9.92 19.74
CA ILE A 27 20.58 9.65 20.15
C ILE A 27 21.52 9.89 18.97
N VAL A 28 21.24 9.24 17.84
CA VAL A 28 22.06 9.36 16.64
C VAL A 28 22.11 10.81 16.19
N TYR A 29 20.93 11.48 16.16
CA TYR A 29 20.84 12.88 15.77
C TYR A 29 21.64 13.79 16.70
N THR A 30 21.62 13.49 18.02
CA THR A 30 22.38 14.24 19.02
C THR A 30 23.87 14.13 18.73
N ILE A 31 24.32 12.90 18.46
CA ILE A 31 25.72 12.62 18.13
C ILE A 31 26.12 13.46 16.93
N VAL A 32 25.33 13.41 15.86
CA VAL A 32 25.57 14.17 14.64
C VAL A 32 25.67 15.65 14.97
N PHE A 33 24.79 16.15 15.83
CA PHE A 33 24.82 17.55 16.20
C PHE A 33 26.15 17.94 16.86
N VAL A 34 26.56 17.15 17.85
CA VAL A 34 27.81 17.39 18.58
C VAL A 34 29.03 17.26 17.68
N VAL A 35 29.02 16.26 16.79
CA VAL A 35 30.16 15.99 15.91
C VAL A 35 30.22 16.89 14.68
N ALA A 36 29.13 16.94 13.91
CA ALA A 36 29.09 17.64 12.63
C ALA A 36 29.09 19.16 12.70
N LEU A 37 28.41 19.74 13.70
CA LEU A 37 28.30 21.18 13.79
C LEU A 37 29.65 21.90 13.96
N PRO A 38 30.49 21.57 14.96
CA PRO A 38 31.75 22.29 15.11
C PRO A 38 32.77 21.92 14.05
N SER A 39 32.76 20.66 13.58
CA SER A 39 33.70 20.19 12.57
C SER A 39 33.50 20.93 11.25
N ASN A 40 32.25 21.01 10.77
CA ASN A 40 31.93 21.76 9.55
C ASN A 40 32.00 23.25 9.81
N GLY A 41 31.76 23.64 11.06
CA GLY A 41 31.84 25.03 11.49
C GLY A 41 33.25 25.56 11.34
N MET A 42 34.24 24.74 11.74
CA MET A 42 35.65 25.09 11.62
C MET A 42 36.10 24.98 10.17
N ALA A 43 35.61 23.96 9.46
CA ALA A 43 35.95 23.75 8.06
C ALA A 43 35.52 24.93 7.21
N LEU A 44 34.30 25.43 7.44
CA LEU A 44 33.76 26.59 6.74
C LEU A 44 34.60 27.82 7.05
N TRP A 45 35.09 27.92 8.29
CA TRP A 45 35.93 29.02 8.73
C TRP A 45 37.28 28.98 8.02
N VAL A 46 37.87 27.79 7.90
CA VAL A 46 39.16 27.58 7.23
C VAL A 46 39.07 27.95 5.76
N PHE A 47 38.02 27.48 5.09
CA PHE A 47 37.83 27.71 3.66
C PHE A 47 37.63 29.18 3.32
N LEU A 48 37.09 29.94 4.28
CA LEU A 48 36.79 31.35 4.08
C LEU A 48 37.89 32.28 4.57
N PHE A 49 38.41 32.02 5.78
CA PHE A 49 39.34 32.93 6.44
C PHE A 49 40.74 32.38 6.70
N ARG A 50 41.03 31.16 6.22
CA ARG A 50 42.34 30.55 6.42
C ARG A 50 42.95 29.97 5.15
N THR A 51 42.10 29.72 4.13
CA THR A 51 42.58 29.22 2.85
C THR A 51 42.85 30.42 1.95
N LYS A 52 44.13 30.63 1.63
CA LYS A 52 44.55 31.74 0.78
C LYS A 52 44.86 31.25 -0.64
N LYS A 53 44.37 30.04 -0.98
CA LYS A 53 44.56 29.45 -2.30
C LYS A 53 43.34 29.77 -3.15
N LYS A 54 42.14 29.58 -2.57
CA LYS A 54 40.85 29.83 -3.24
C LYS A 54 40.72 29.05 -4.55
N ALA A 55 41.02 27.76 -4.50
CA ALA A 55 40.91 26.89 -5.65
C ALA A 55 39.47 26.37 -5.74
N PRO A 56 39.03 25.93 -6.95
CA PRO A 56 37.67 25.38 -7.11
C PRO A 56 37.29 24.26 -6.13
N ALA A 57 38.28 23.52 -5.61
CA ALA A 57 38.04 22.43 -4.66
C ALA A 57 37.58 22.99 -3.31
N VAL A 58 38.19 24.10 -2.89
CA VAL A 58 37.86 24.78 -1.63
C VAL A 58 36.43 25.28 -1.66
N ILE A 59 36.01 25.84 -2.79
CA ILE A 59 34.67 26.40 -2.99
C ILE A 59 33.60 25.34 -2.84
N TYR A 60 33.80 24.20 -3.52
CA TYR A 60 32.85 23.09 -3.45
C TYR A 60 32.74 22.56 -2.02
N MET A 61 33.89 22.44 -1.33
CA MET A 61 33.93 21.97 0.05
C MET A 61 33.29 22.97 1.01
N ALA A 62 33.34 24.27 0.66
CA ALA A 62 32.75 25.33 1.49
C ALA A 62 31.22 25.23 1.45
N ASN A 63 30.65 24.92 0.28
CA ASN A 63 29.20 24.76 0.13
C ASN A 63 28.77 23.44 0.76
N LEU A 64 29.64 22.44 0.67
CA LEU A 64 29.41 21.13 1.27
C LEU A 64 29.27 21.31 2.77
N ALA A 65 30.21 22.08 3.37
CA ALA A 65 30.17 22.40 4.79
C ALA A 65 28.94 23.27 5.10
N LEU A 66 28.57 24.14 4.15
CA LEU A 66 27.41 25.03 4.30
C LEU A 66 26.12 24.23 4.30
N ALA A 67 26.00 23.28 3.37
CA ALA A 67 24.85 22.38 3.26
C ALA A 67 24.72 21.58 4.55
N ASP A 68 25.85 21.16 5.14
CA ASP A 68 25.88 20.44 6.40
C ASP A 68 25.35 21.29 7.53
N LEU A 69 25.89 22.51 7.66
CA LEU A 69 25.54 23.44 8.73
C LEU A 69 24.07 23.83 8.70
N LEU A 70 23.58 24.18 7.50
CA LEU A 70 22.21 24.61 7.29
C LEU A 70 21.17 23.55 7.64
N SER A 71 21.61 22.31 7.92
CA SER A 71 20.69 21.26 8.31
C SER A 71 20.87 20.88 9.78
N VAL A 72 22.13 20.81 10.24
CA VAL A 72 22.45 20.41 11.61
C VAL A 72 21.97 21.43 12.65
N ILE A 73 21.90 22.70 12.27
CA ILE A 73 21.46 23.76 13.18
C ILE A 73 20.01 23.55 13.63
N TRP A 74 19.21 22.92 12.79
CA TRP A 74 17.81 22.65 13.10
C TRP A 74 17.59 21.38 13.91
N PHE A 75 18.67 20.61 14.14
CA PHE A 75 18.63 19.34 14.88
C PHE A 75 18.12 19.44 16.32
N PRO A 76 18.43 20.49 17.11
CA PRO A 76 17.84 20.59 18.46
C PRO A 76 16.31 20.50 18.46
N LEU A 77 15.65 21.04 17.43
CA LEU A 77 14.21 20.94 17.29
C LEU A 77 13.87 19.57 16.75
N LYS A 78 14.79 18.99 15.97
CA LYS A 78 14.60 17.67 15.38
C LYS A 78 14.70 16.60 16.47
N ILE A 79 15.65 16.75 17.39
CA ILE A 79 15.86 15.82 18.50
C ILE A 79 14.67 15.88 19.45
N ALA A 80 14.28 17.10 19.86
CA ALA A 80 13.15 17.33 20.77
C ALA A 80 11.86 16.71 20.22
N TYR A 81 11.69 16.77 18.90
CA TYR A 81 10.53 16.23 18.19
C TYR A 81 10.33 14.73 18.47
N HIS A 82 11.41 13.95 18.31
CA HIS A 82 11.38 12.51 18.48
C HIS A 82 11.29 12.08 19.94
N ILE A 83 12.02 12.77 20.82
CA ILE A 83 12.02 12.49 22.27
C ILE A 83 10.60 12.53 22.82
N HIS A 84 9.80 13.48 22.32
CA HIS A 84 8.43 13.66 22.75
C HIS A 84 7.43 12.87 21.92
N GLY A 85 7.84 11.70 21.45
CA GLY A 85 7.01 10.76 20.72
C GLY A 85 6.53 11.23 19.36
N ASN A 86 7.43 11.84 18.58
CA ASN A 86 7.15 12.31 17.21
C ASN A 86 5.97 13.29 17.19
N ASN A 87 6.10 14.38 17.94
CA ASN A 87 5.03 15.36 18.06
C ASN A 87 5.55 16.77 17.82
N TRP A 88 5.11 17.39 16.72
CA TRP A 88 5.55 18.71 16.31
C TRP A 88 4.60 19.81 16.76
N ILE A 89 5.14 20.78 17.49
CA ILE A 89 4.35 21.88 18.07
C ILE A 89 4.95 23.24 17.74
N TYR A 90 5.74 23.30 16.67
CA TYR A 90 6.44 24.53 16.29
C TYR A 90 5.85 25.19 15.04
N GLY A 91 4.86 24.57 14.42
CA GLY A 91 4.20 25.12 13.25
C GLY A 91 4.49 24.40 11.95
N GLU A 92 3.58 24.52 10.98
CA GLU A 92 3.69 23.89 9.67
C GLU A 92 4.83 24.44 8.85
N ALA A 93 5.00 25.77 8.87
CA ALA A 93 6.04 26.47 8.13
C ALA A 93 7.42 26.04 8.60
N LEU A 94 7.61 25.93 9.92
CA LEU A 94 8.89 25.56 10.51
C LEU A 94 9.23 24.09 10.27
N CYS A 95 8.19 23.26 10.11
CA CYS A 95 8.33 21.86 9.76
C CYS A 95 8.89 21.76 8.34
N ASN A 96 8.30 22.52 7.41
CA ASN A 96 8.70 22.54 6.00
C ASN A 96 10.10 23.11 5.81
N VAL A 97 10.57 23.90 6.77
CA VAL A 97 11.93 24.45 6.76
C VAL A 97 12.89 23.29 6.95
N LEU A 98 12.70 22.52 8.03
CA LEU A 98 13.53 21.37 8.38
C LEU A 98 13.51 20.36 7.25
N ILE A 99 12.32 20.08 6.69
CA ILE A 99 12.15 19.17 5.57
C ILE A 99 12.95 19.66 4.37
N GLY A 100 12.85 20.94 4.08
CA GLY A 100 13.54 21.57 2.96
C GLY A 100 15.05 21.42 3.06
N PHE A 101 15.61 21.87 4.19
CA PHE A 101 17.06 21.81 4.43
C PHE A 101 17.58 20.39 4.58
N PHE A 102 16.69 19.45 4.91
CA PHE A 102 17.09 18.06 5.03
C PHE A 102 17.39 17.51 3.64
N TYR A 103 16.40 17.60 2.74
CA TYR A 103 16.53 17.13 1.37
C TYR A 103 17.54 17.97 0.58
N ALA A 104 17.71 19.24 0.97
CA ALA A 104 18.68 20.13 0.37
C ALA A 104 20.08 19.58 0.60
N ASN A 105 20.45 19.32 1.88
CA ASN A 105 21.75 18.74 2.21
C ASN A 105 21.89 17.37 1.60
N MET A 106 20.79 16.62 1.51
CA MET A 106 20.80 15.29 0.90
C MET A 106 21.31 15.38 -0.54
N TYR A 107 20.78 16.33 -1.31
CA TYR A 107 21.11 16.44 -2.72
C TYR A 107 22.27 17.38 -3.03
N CYS A 108 22.48 18.40 -2.21
CA CYS A 108 23.62 19.30 -2.38
C CYS A 108 24.89 18.50 -2.17
N SER A 109 24.90 17.63 -1.15
CA SER A 109 26.05 16.79 -0.82
C SER A 109 26.48 15.93 -2.00
N ILE A 110 25.52 15.26 -2.65
CA ILE A 110 25.80 14.42 -3.81
C ILE A 110 26.39 15.24 -4.95
N LEU A 111 25.71 16.35 -5.29
CA LEU A 111 26.13 17.21 -6.39
C LEU A 111 27.48 17.87 -6.15
N PHE A 112 27.70 18.34 -4.91
CA PHE A 112 28.98 18.95 -4.55
C PHE A 112 30.08 17.94 -4.40
N LEU A 113 29.71 16.67 -4.16
CA LEU A 113 30.70 15.60 -4.13
C LEU A 113 31.12 15.28 -5.56
N THR A 114 30.14 15.32 -6.48
CA THR A 114 30.40 15.05 -7.90
C THR A 114 31.30 16.12 -8.47
N CYS A 115 31.04 17.38 -8.11
CA CYS A 115 31.84 18.51 -8.57
C CYS A 115 33.29 18.36 -8.09
N LEU A 116 33.46 18.20 -6.76
CA LEU A 116 34.77 18.05 -6.12
C LEU A 116 35.59 16.90 -6.71
N SER A 117 34.98 15.71 -6.80
CA SER A 117 35.64 14.51 -7.31
C SER A 117 36.07 14.67 -8.76
N VAL A 118 35.19 15.22 -9.60
CA VAL A 118 35.46 15.43 -11.02
C VAL A 118 36.56 16.47 -11.18
N GLN A 119 36.42 17.60 -10.48
CA GLN A 119 37.37 18.69 -10.49
C GLN A 119 38.78 18.21 -10.15
N ARG A 120 38.92 17.48 -9.03
CA ARG A 120 40.21 16.98 -8.58
C ARG A 120 40.78 15.94 -9.53
N ALA A 121 39.91 15.15 -10.17
CA ALA A 121 40.35 14.17 -11.15
C ALA A 121 40.76 14.88 -12.44
N TRP A 122 40.07 15.98 -12.77
CA TRP A 122 40.30 16.77 -13.97
C TRP A 122 41.61 17.55 -13.89
N GLU A 123 42.05 17.89 -12.68
CA GLU A 123 43.31 18.63 -12.48
C GLU A 123 44.50 17.69 -12.63
N ILE A 124 44.25 16.39 -12.74
CA ILE A 124 45.30 15.38 -12.88
C ILE A 124 45.43 14.91 -14.32
N VAL A 125 44.29 14.60 -14.95
CA VAL A 125 44.25 14.14 -16.33
C VAL A 125 44.60 15.31 -17.26
N ASN A 126 43.82 16.40 -17.18
CA ASN A 126 44.02 17.58 -18.02
C ASN A 126 44.04 18.87 -17.21
N PRO A 127 45.17 19.15 -16.51
CA PRO A 127 45.26 20.38 -15.70
C PRO A 127 45.30 21.68 -16.52
N MET A 128 44.77 22.76 -15.94
CA MET A 128 44.76 24.09 -16.56
C MET A 128 45.45 25.11 -15.65
N GLY A 129 45.52 26.37 -16.11
CA GLY A 129 46.18 27.43 -15.36
C GLY A 129 45.44 28.73 -15.24
N HIS A 130 44.20 28.69 -14.73
CA HIS A 130 43.39 29.89 -14.49
C HIS A 130 42.74 29.78 -13.13
N SER A 131 43.56 29.63 -12.08
CA SER A 131 43.12 29.45 -10.69
C SER A 131 42.13 30.52 -10.21
N ARG A 132 42.17 31.71 -10.81
CA ARG A 132 41.28 32.81 -10.45
C ARG A 132 39.97 32.72 -11.23
N LYS A 133 40.06 32.33 -12.51
CA LYS A 133 38.89 32.20 -13.38
C LYS A 133 38.12 30.93 -13.06
N LYS A 134 38.85 29.83 -12.88
CA LYS A 134 38.29 28.53 -12.52
C LYS A 134 37.56 28.61 -11.19
N ALA A 135 38.00 29.54 -10.32
CA ALA A 135 37.36 29.77 -9.03
C ALA A 135 36.01 30.46 -9.24
N ASN A 136 36.00 31.55 -10.04
CA ASN A 136 34.77 32.29 -10.35
C ASN A 136 33.74 31.38 -10.98
N ILE A 137 34.20 30.48 -11.88
CA ILE A 137 33.33 29.50 -12.52
C ILE A 137 32.71 28.57 -11.47
N ALA A 138 33.54 28.05 -10.56
CA ALA A 138 33.09 27.13 -9.51
C ALA A 138 32.07 27.77 -8.58
N ILE A 139 32.17 29.09 -8.35
CA ILE A 139 31.21 29.84 -7.54
C ILE A 139 29.87 29.87 -8.25
N GLY A 140 29.88 30.24 -9.53
CA GLY A 140 28.68 30.29 -10.36
C GLY A 140 27.96 28.97 -10.42
N ILE A 141 28.74 27.87 -10.52
CA ILE A 141 28.20 26.51 -10.54
C ILE A 141 27.48 26.22 -9.22
N SER A 142 28.07 26.67 -8.11
CA SER A 142 27.50 26.47 -6.78
C SER A 142 26.17 27.19 -6.64
N LEU A 143 26.10 28.44 -7.14
CA LEU A 143 24.87 29.22 -7.12
C LEU A 143 23.83 28.51 -7.97
N ALA A 144 24.25 27.98 -9.14
CA ALA A 144 23.37 27.25 -10.04
C ALA A 144 22.80 26.02 -9.34
N ILE A 145 23.65 25.28 -8.62
CA ILE A 145 23.24 24.10 -7.87
C ILE A 145 22.27 24.47 -6.75
N TRP A 146 22.59 25.52 -5.98
CA TRP A 146 21.75 25.95 -4.88
C TRP A 146 20.34 26.34 -5.34
N LEU A 147 20.24 27.05 -6.46
CA LEU A 147 18.96 27.49 -6.99
C LEU A 147 18.18 26.36 -7.63
N LEU A 148 18.88 25.42 -8.27
CA LEU A 148 18.24 24.27 -8.90
C LEU A 148 17.60 23.36 -7.87
N ILE A 149 18.22 23.27 -6.69
CA ILE A 149 17.71 22.46 -5.60
C ILE A 149 16.58 23.18 -4.90
N LEU A 150 16.70 24.51 -4.77
CA LEU A 150 15.63 25.31 -4.17
C LEU A 150 14.37 25.19 -5.01
N LEU A 151 14.52 25.03 -6.32
CA LEU A 151 13.41 24.89 -7.25
C LEU A 151 12.87 23.46 -7.27
N VAL A 152 13.76 22.46 -7.12
CA VAL A 152 13.37 21.06 -7.16
C VAL A 152 12.71 20.59 -5.86
N THR A 153 12.97 21.29 -4.76
CA THR A 153 12.40 20.96 -3.46
C THR A 153 11.11 21.73 -3.22
N ILE A 154 10.60 22.42 -4.24
CA ILE A 154 9.34 23.17 -4.16
C ILE A 154 8.18 22.25 -3.74
N PRO A 155 7.98 21.07 -4.39
CA PRO A 155 6.87 20.20 -3.95
C PRO A 155 7.06 19.57 -2.56
N LEU A 156 8.03 20.05 -1.78
CA LEU A 156 8.26 19.61 -0.41
C LEU A 156 7.99 20.78 0.53
N TYR A 157 8.33 21.99 0.07
CA TYR A 157 8.09 23.22 0.82
C TYR A 157 6.62 23.60 0.86
N VAL A 158 5.94 23.45 -0.27
CA VAL A 158 4.59 23.98 -0.49
C VAL A 158 3.44 23.08 -0.06
N VAL A 159 3.72 21.80 0.15
CA VAL A 159 2.67 20.85 0.50
C VAL A 159 2.54 20.71 2.02
N LYS A 160 1.31 20.47 2.49
CA LYS A 160 1.01 20.24 3.90
C LYS A 160 1.77 19.00 4.37
N GLN A 161 2.69 19.19 5.32
CA GLN A 161 3.54 18.11 5.81
C GLN A 161 3.30 17.72 7.25
N THR A 162 2.27 18.31 7.87
CA THR A 162 1.89 18.00 9.24
C THR A 162 0.49 17.41 9.28
N ILE A 163 0.26 16.48 10.20
CA ILE A 163 -1.04 15.85 10.41
C ILE A 163 -1.22 15.45 11.86
N PHE A 164 -2.38 15.75 12.43
CA PHE A 164 -2.69 15.35 13.79
C PHE A 164 -3.33 13.97 13.76
N ILE A 165 -2.76 13.02 14.51
CA ILE A 165 -3.27 11.66 14.60
C ILE A 165 -3.98 11.48 15.94
N PRO A 166 -5.33 11.48 15.92
CA PRO A 166 -6.11 11.37 17.17
C PRO A 166 -5.76 10.21 18.09
N ALA A 167 -5.60 9.01 17.50
CA ALA A 167 -5.28 7.80 18.26
C ALA A 167 -3.91 7.88 18.93
N LEU A 168 -2.99 8.63 18.34
CA LEU A 168 -1.64 8.76 18.88
C LEU A 168 -1.44 10.02 19.67
N GLN A 169 -2.37 10.98 19.52
CA GLN A 169 -2.35 12.27 20.21
C GLN A 169 -1.07 13.05 19.90
N ILE A 170 -0.54 12.86 18.68
CA ILE A 170 0.67 13.53 18.24
C ILE A 170 0.49 14.20 16.89
N THR A 171 1.34 15.18 16.60
CA THR A 171 1.36 15.87 15.32
C THR A 171 2.66 15.51 14.61
N THR A 172 2.60 14.63 13.61
CA THR A 172 3.80 14.19 12.89
C THR A 172 4.27 15.16 11.83
N CYS A 173 5.59 15.33 11.71
CA CYS A 173 6.21 16.16 10.70
C CYS A 173 6.97 15.24 9.75
N HIS A 174 6.64 15.31 8.46
CA HIS A 174 7.27 14.52 7.40
C HIS A 174 6.96 13.03 7.44
N ASP A 175 7.06 12.41 8.62
CA ASP A 175 6.94 10.97 8.83
C ASP A 175 5.64 10.36 8.32
N VAL A 176 4.56 11.14 8.34
CA VAL A 176 3.27 10.70 7.86
C VAL A 176 2.79 11.64 6.77
N LEU A 177 2.34 11.10 5.63
CA LEU A 177 1.82 11.89 4.54
C LEU A 177 0.36 12.27 4.82
N PRO A 178 0.09 13.59 5.03
CA PRO A 178 -1.27 14.05 5.36
C PRO A 178 -2.30 13.80 4.27
N GLU A 179 -1.86 13.81 3.01
CA GLU A 179 -2.73 13.60 1.87
C GLU A 179 -2.30 12.37 1.09
N GLN A 180 -2.96 11.24 1.33
CA GLN A 180 -2.65 9.96 0.70
C GLN A 180 -2.95 9.93 -0.81
N LEU A 181 -3.57 11.01 -1.34
CA LEU A 181 -3.91 11.13 -2.75
C LEU A 181 -2.71 11.63 -3.57
N LEU A 182 -1.69 12.17 -2.89
CA LEU A 182 -0.50 12.70 -3.56
C LEU A 182 0.64 11.70 -3.67
N VAL A 183 0.38 10.44 -3.28
CA VAL A 183 1.39 9.37 -3.33
C VAL A 183 1.87 9.13 -4.76
N GLY A 184 0.94 9.24 -5.71
CA GLY A 184 1.23 9.09 -7.13
C GLY A 184 2.26 10.10 -7.59
N ASP A 185 2.09 11.36 -7.15
CA ASP A 185 3.01 12.44 -7.46
C ASP A 185 4.33 12.27 -6.72
N MET A 186 4.24 11.85 -5.45
CA MET A 186 5.42 11.63 -4.61
C MET A 186 6.32 10.53 -5.16
N PHE A 187 5.72 9.44 -5.66
CA PHE A 187 6.47 8.32 -6.21
C PHE A 187 7.35 8.74 -7.38
N ASN A 188 6.72 9.32 -8.42
CA ASN A 188 7.43 9.78 -9.61
C ASN A 188 8.51 10.77 -9.26
N TYR A 189 8.21 11.69 -8.33
CA TYR A 189 9.12 12.72 -7.86
C TYR A 189 10.43 12.12 -7.32
N PHE A 190 10.32 11.20 -6.36
CA PHE A 190 11.50 10.58 -5.75
C PHE A 190 12.18 9.56 -6.67
N LEU A 191 11.48 9.12 -7.71
CA LEU A 191 12.07 8.22 -8.70
C LEU A 191 12.88 9.05 -9.68
N SER A 192 12.44 10.28 -9.96
CA SER A 192 13.15 11.20 -10.85
C SER A 192 14.48 11.58 -10.20
N LEU A 193 14.44 11.94 -8.92
CA LEU A 193 15.62 12.35 -8.15
C LEU A 193 16.60 11.21 -7.96
N ALA A 194 16.09 9.99 -7.73
CA ALA A 194 16.91 8.80 -7.53
C ALA A 194 17.71 8.45 -8.76
N ILE A 195 17.24 8.88 -9.93
CA ILE A 195 17.92 8.61 -11.19
C ILE A 195 18.84 9.78 -11.55
N GLY A 196 18.25 10.95 -11.74
CA GLY A 196 18.98 12.13 -12.19
C GLY A 196 19.86 12.84 -11.19
N VAL A 197 19.54 12.71 -9.90
CA VAL A 197 20.31 13.40 -8.84
C VAL A 197 21.00 12.40 -7.92
N PHE A 198 20.90 11.11 -8.25
CA PHE A 198 21.56 10.10 -7.45
C PHE A 198 22.45 9.20 -8.29
N LEU A 199 21.85 8.38 -9.16
CA LEU A 199 22.58 7.46 -10.01
C LEU A 199 23.53 8.18 -10.96
N PHE A 200 23.00 9.16 -11.70
CA PHE A 200 23.77 9.95 -12.67
C PHE A 200 24.96 10.64 -11.99
N PRO A 201 24.80 11.35 -10.85
CA PRO A 201 25.97 11.89 -10.17
C PRO A 201 26.86 10.79 -9.57
N ALA A 202 26.29 9.61 -9.22
CA ALA A 202 27.09 8.52 -8.67
C ALA A 202 27.98 7.92 -9.74
N PHE A 203 27.46 7.86 -10.98
CA PHE A 203 28.19 7.35 -12.13
C PHE A 203 29.37 8.26 -12.44
N LEU A 204 29.15 9.57 -12.38
CA LEU A 204 30.19 10.56 -12.64
C LEU A 204 31.19 10.63 -11.50
N THR A 205 30.74 10.30 -10.28
CA THR A 205 31.58 10.34 -9.08
C THR A 205 32.53 9.15 -9.06
N ALA A 206 32.01 7.95 -9.30
CA ALA A 206 32.78 6.72 -9.27
C ALA A 206 33.86 6.71 -10.34
N SER A 207 33.48 7.01 -11.60
CA SER A 207 34.41 7.02 -12.72
C SER A 207 35.47 8.10 -12.57
N ALA A 208 35.18 9.17 -11.81
CA ALA A 208 36.16 10.23 -11.58
C ALA A 208 37.33 9.68 -10.78
N TYR A 209 37.04 8.87 -9.74
CA TYR A 209 38.08 8.22 -8.94
C TYR A 209 38.79 7.14 -9.74
N VAL A 210 38.10 6.55 -10.72
CA VAL A 210 38.68 5.54 -11.60
C VAL A 210 39.84 6.15 -12.36
N LEU A 211 39.61 7.32 -12.95
CA LEU A 211 40.63 8.02 -13.71
C LEU A 211 41.67 8.65 -12.79
N MET A 212 41.24 9.14 -11.62
CA MET A 212 42.11 9.81 -10.67
C MET A 212 43.15 8.86 -10.08
N ILE A 213 42.69 7.72 -9.55
CA ILE A 213 43.56 6.72 -8.93
C ILE A 213 44.58 6.16 -9.92
N ARG A 214 44.12 5.74 -11.10
CA ARG A 214 44.97 5.18 -12.14
C ARG A 214 46.08 6.13 -12.56
N ALA A 215 45.75 7.42 -12.74
CA ALA A 215 46.73 8.44 -13.12
C ALA A 215 47.75 8.66 -12.00
N LEU A 216 47.30 8.57 -10.74
CA LEU A 216 48.17 8.70 -9.58
C LEU A 216 49.03 7.45 -9.38
N ALA A 217 48.65 6.34 -10.04
CA ALA A 217 49.38 5.07 -10.08
C ALA A 217 50.30 5.08 -11.32
N ASP A 218 49.98 5.94 -12.33
CA ASP A 218 50.75 6.13 -13.56
C ASP A 218 51.95 7.02 -13.28
N LEU A 219 51.82 7.96 -12.33
CA LEU A 219 52.90 8.84 -11.87
C LEU A 219 53.88 7.96 -11.07
N GLU A 220 53.33 6.95 -10.37
CA GLU A 220 54.04 5.94 -9.61
C GLU A 220 54.77 5.01 -10.60
N ASP A 221 54.13 4.71 -11.75
CA ASP A 221 54.68 3.87 -12.83
C ASP A 221 55.91 4.50 -13.47
N ASN A 222 55.85 5.81 -13.78
CA ASN A 222 56.94 6.58 -14.39
C ASN A 222 58.14 6.69 -13.45
N TRP A 223 57.88 6.83 -12.14
CA TRP A 223 58.89 6.88 -11.07
C TRP A 223 59.53 5.48 -10.91
N GLU A 224 58.69 4.42 -11.04
CA GLU A 224 59.10 3.02 -10.94
C GLU A 224 59.99 2.62 -12.12
N THR A 225 59.58 2.98 -13.35
CA THR A 225 60.30 2.70 -14.61
C THR A 225 61.68 3.41 -14.59
N LEU A 226 61.73 4.63 -14.02
CA LEU A 226 62.94 5.44 -13.89
C LEU A 226 63.95 4.75 -12.96
N ASN A 227 63.47 4.15 -11.84
CA ASN A 227 64.31 3.44 -10.87
C ASN A 227 64.64 2.01 -11.32
N ASP A 228 63.75 1.39 -12.12
CA ASP A 228 63.95 0.02 -12.63
C ASP A 228 65.02 -0.03 -13.72
N ASN A 229 64.93 0.85 -14.73
CA ASN A 229 65.88 0.94 -15.84
C ASN A 229 67.27 1.40 -15.41
N LEU A 230 67.35 2.21 -14.32
CA LEU A 230 68.61 2.72 -13.75
C LEU A 230 69.41 1.55 -13.15
N LYS A 231 68.71 0.59 -12.50
CA LYS A 231 69.27 -0.61 -11.89
C LYS A 231 69.74 -1.61 -12.95
N VAL A 232 69.08 -1.61 -14.14
CA VAL A 232 69.40 -2.47 -15.29
C VAL A 232 70.74 -2.05 -15.91
N ILE A 233 70.96 -0.73 -16.11
CA ILE A 233 72.19 -0.16 -16.69
C ILE A 233 73.45 -0.54 -15.87
N GLU A 234 73.37 -0.48 -14.53
CA GLU A 234 74.46 -0.83 -13.61
C GLU A 234 74.80 -2.33 -13.60
N LYS A 235 73.84 -3.17 -14.05
CA LYS A 235 73.98 -4.64 -14.10
C LYS A 235 74.19 -5.18 -15.53
N ALA A 236 73.92 -4.35 -16.57
CA ALA A 236 74.05 -4.70 -17.98
C ALA A 236 75.50 -4.88 -18.44
N ASP A 237 75.70 -5.60 -19.57
CA ASP A 237 77.02 -5.87 -20.16
C ASP A 237 77.14 -5.40 -21.62
N ASN A 238 76.13 -5.70 -22.46
CA ASN A 238 76.10 -5.34 -23.88
C ASN A 238 75.57 -3.92 -24.13
N ALA A 239 75.96 -3.32 -25.27
CA ALA A 239 75.57 -1.96 -25.69
C ALA A 239 74.07 -1.78 -25.94
N ALA A 240 73.39 -2.84 -26.44
CA ALA A 240 71.95 -2.84 -26.73
C ALA A 240 71.09 -2.69 -25.48
N GLN A 241 71.51 -3.32 -24.36
CA GLN A 241 70.81 -3.28 -23.06
C GLN A 241 70.86 -1.88 -22.43
N VAL A 242 71.96 -1.13 -22.68
CA VAL A 242 72.17 0.22 -22.16
C VAL A 242 71.39 1.26 -22.99
N LYS A 243 71.45 1.14 -24.34
CA LYS A 243 70.79 2.02 -25.30
C LYS A 243 69.27 2.06 -25.14
N ASP A 244 68.63 0.89 -24.98
CA ASP A 244 67.17 0.76 -24.82
C ASP A 244 66.67 1.25 -23.46
N ALA A 245 67.40 0.92 -22.38
CA ALA A 245 67.07 1.32 -21.00
C ALA A 245 67.10 2.83 -20.79
N LEU A 246 68.02 3.53 -21.51
CA LEU A 246 68.15 4.99 -21.45
C LEU A 246 67.01 5.67 -22.21
N THR A 247 66.58 5.10 -23.35
CA THR A 247 65.47 5.61 -24.17
C THR A 247 64.15 5.45 -23.42
N LYS A 248 63.99 4.35 -22.65
CA LYS A 248 62.81 4.08 -21.84
C LYS A 248 62.76 4.96 -20.60
N MET A 249 63.94 5.23 -19.98
CA MET A 249 64.08 6.08 -18.80
C MET A 249 63.80 7.54 -19.15
N ARG A 250 64.13 7.95 -20.39
CA ARG A 250 63.92 9.29 -20.93
C ARG A 250 62.42 9.55 -21.08
N ALA A 251 61.68 8.61 -21.74
CA ALA A 251 60.23 8.68 -21.97
C ALA A 251 59.43 8.82 -20.69
N ALA A 252 59.82 8.08 -19.63
CA ALA A 252 59.18 8.12 -18.31
C ALA A 252 59.44 9.46 -17.61
N ALA A 253 60.66 10.02 -17.77
CA ALA A 253 61.07 11.29 -17.18
C ALA A 253 60.32 12.48 -17.81
N LEU A 254 60.08 12.43 -19.13
CA LEU A 254 59.36 13.49 -19.86
C LEU A 254 57.87 13.52 -19.50
N ASP A 255 57.28 12.34 -19.23
CA ASP A 255 55.87 12.20 -18.85
C ASP A 255 55.64 12.63 -17.40
N ALA A 256 56.63 12.37 -16.52
CA ALA A 256 56.58 12.74 -15.10
C ALA A 256 56.72 14.26 -14.92
N GLN A 257 57.43 14.93 -15.85
CA GLN A 257 57.64 16.38 -15.87
C GLN A 257 56.32 17.10 -16.21
N LYS A 258 55.50 16.49 -17.08
CA LYS A 258 54.19 17.00 -17.52
C LYS A 258 53.16 16.95 -16.39
N ALA A 259 53.26 15.93 -15.51
CA ALA A 259 52.37 15.75 -14.37
C ALA A 259 52.66 16.76 -13.25
N THR A 260 51.65 17.03 -12.40
CA THR A 260 51.73 17.98 -11.28
C THR A 260 52.26 17.30 -9.99
N PRO A 261 53.30 17.87 -9.33
CA PRO A 261 53.84 17.25 -8.09
C PRO A 261 52.93 17.43 -6.86
N PRO A 262 53.00 16.51 -5.86
CA PRO A 262 52.10 16.61 -4.69
C PRO A 262 52.41 17.67 -3.65
N LYS A 263 53.70 18.00 -3.42
CA LYS A 263 54.12 19.01 -2.43
C LYS A 263 53.57 20.40 -2.78
N LEU A 264 53.51 20.71 -4.08
CA LEU A 264 53.00 21.97 -4.64
C LEU A 264 51.72 21.64 -5.45
N GLU A 265 50.62 21.41 -4.72
CA GLU A 265 49.33 21.02 -5.31
C GLU A 265 48.59 22.17 -6.00
N ASP A 266 48.01 23.12 -5.23
CA ASP A 266 47.25 24.26 -5.75
C ASP A 266 48.15 25.35 -6.35
N LYS A 267 49.49 25.13 -6.35
CA LYS A 267 50.48 26.04 -6.93
C LYS A 267 50.36 25.94 -8.45
N SER A 268 50.07 27.08 -9.12
CA SER A 268 49.90 27.21 -10.58
C SER A 268 51.10 26.69 -11.39
N PRO A 269 50.93 26.20 -12.66
CA PRO A 269 52.09 25.72 -13.42
C PRO A 269 53.14 26.78 -13.79
N ASP A 270 52.80 28.07 -13.57
CA ASP A 270 53.63 29.25 -13.85
C ASP A 270 54.39 29.76 -12.61
N SER A 271 54.09 29.20 -11.42
CA SER A 271 54.69 29.57 -10.14
C SER A 271 56.20 29.21 -10.03
N PRO A 272 57.01 29.93 -9.20
CA PRO A 272 58.44 29.58 -9.09
C PRO A 272 58.73 28.25 -8.39
N GLU A 273 57.80 27.77 -7.54
CA GLU A 273 57.91 26.50 -6.82
C GLU A 273 57.80 25.33 -7.81
N MET A 274 56.85 25.44 -8.78
CA MET A 274 56.60 24.48 -9.86
C MET A 274 57.79 24.44 -10.82
N LYS A 275 58.47 25.59 -11.00
CA LYS A 275 59.66 25.74 -11.85
C LYS A 275 60.86 24.99 -11.27
N ASP A 276 60.96 24.88 -9.92
CA ASP A 276 62.02 24.17 -9.20
C ASP A 276 61.94 22.65 -9.43
N PHE A 277 60.70 22.11 -9.46
CA PHE A 277 60.41 20.69 -9.71
C PHE A 277 60.84 20.33 -11.14
N ARG A 278 60.45 21.16 -12.13
CA ARG A 278 60.80 20.99 -13.54
C ARG A 278 62.28 21.27 -13.81
N HIS A 279 62.93 22.09 -12.94
CA HIS A 279 64.36 22.42 -13.04
C HIS A 279 65.20 21.18 -12.75
N GLY A 280 64.79 20.40 -11.74
CA GLY A 280 65.44 19.16 -11.35
C GLY A 280 65.38 18.10 -12.44
N PHE A 281 64.30 18.15 -13.24
CA PHE A 281 64.05 17.27 -14.38
C PHE A 281 64.93 17.64 -15.57
N ASP A 282 65.19 18.96 -15.76
CA ASP A 282 66.03 19.46 -16.85
C ASP A 282 67.49 19.03 -16.69
N ILE A 283 67.97 18.91 -15.43
CA ILE A 283 69.32 18.45 -15.10
C ILE A 283 69.37 16.93 -15.32
N LEU A 284 68.27 16.22 -14.96
CA LEU A 284 68.11 14.78 -15.09
C LEU A 284 68.06 14.33 -16.55
N VAL A 285 67.21 14.98 -17.39
CA VAL A 285 67.03 14.70 -18.82
C VAL A 285 68.35 14.94 -19.58
N GLY A 286 69.03 16.04 -19.24
CA GLY A 286 70.32 16.42 -19.81
C GLY A 286 71.41 15.38 -19.54
N GLN A 287 71.33 14.71 -18.37
CA GLN A 287 72.26 13.66 -17.95
C GLN A 287 72.01 12.33 -18.69
N ILE A 288 70.74 12.07 -19.09
CA ILE A 288 70.36 10.89 -19.88
C ILE A 288 70.94 11.09 -21.29
N ASP A 289 70.88 12.34 -21.80
CA ASP A 289 71.42 12.76 -23.10
C ASP A 289 72.94 12.61 -23.13
N ASP A 290 73.61 12.88 -21.98
CA ASP A 290 75.06 12.74 -21.81
C ASP A 290 75.45 11.26 -21.89
N ALA A 291 74.62 10.37 -21.32
CA ALA A 291 74.82 8.93 -21.32
C ALA A 291 74.57 8.31 -22.71
N LEU A 292 73.52 8.79 -23.42
CA LEU A 292 73.15 8.34 -24.76
C LEU A 292 74.22 8.67 -25.80
N LYS A 293 74.89 9.83 -25.66
CA LYS A 293 75.96 10.31 -26.54
C LYS A 293 77.15 9.33 -26.49
N LEU A 294 77.51 8.87 -25.28
CA LEU A 294 78.59 7.90 -25.05
C LEU A 294 78.20 6.53 -25.59
N ALA A 295 76.91 6.16 -25.46
CA ALA A 295 76.36 4.90 -25.92
C ALA A 295 76.29 4.81 -27.45
N ASN A 296 75.90 5.92 -28.11
CA ASN A 296 75.80 6.00 -29.58
C ASN A 296 77.15 5.97 -30.27
N GLU A 297 78.20 6.52 -29.62
CA GLU A 297 79.57 6.56 -30.15
C GLU A 297 80.21 5.17 -30.09
N GLY A 298 79.96 4.43 -29.01
CA GLY A 298 80.49 3.08 -28.80
C GLY A 298 81.01 2.80 -27.41
N LYS A 299 81.11 3.85 -26.57
CA LYS A 299 81.61 3.75 -25.19
C LYS A 299 80.53 3.17 -24.26
N VAL A 300 80.66 1.88 -23.92
CA VAL A 300 79.70 1.15 -23.09
C VAL A 300 79.99 1.35 -21.58
N LYS A 301 81.21 1.03 -21.13
CA LYS A 301 81.63 1.14 -19.73
C LYS A 301 81.71 2.59 -19.23
N GLU A 302 82.05 3.54 -20.14
CA GLU A 302 82.17 4.97 -19.82
C GLU A 302 80.82 5.59 -19.50
N ALA A 303 77.93 6.18 -20.62
CA ALA A 303 76.69 5.42 -20.59
C ALA A 303 76.47 4.75 -19.23
N GLN A 304 77.36 3.80 -18.84
CA GLN A 304 77.26 3.08 -17.57
C GLN A 304 77.71 3.93 -16.37
N ALA A 305 78.81 4.69 -16.54
CA ALA A 305 79.36 5.56 -15.50
C ALA A 305 78.50 6.81 -15.30
N ALA A 306 77.80 7.25 -16.37
CA ALA A 306 76.91 8.42 -16.35
C ALA A 306 75.63 8.16 -15.55
N ALA A 307 75.25 6.87 -15.37
CA ALA A 307 74.08 6.43 -14.60
C ALA A 307 74.28 6.68 -13.10
N GLU A 308 75.56 6.67 -12.65
CA GLU A 308 75.96 6.94 -11.26
C GLU A 308 75.75 8.43 -10.94
N GLN A 309 75.94 9.31 -11.95
CA GLN A 309 75.73 10.75 -11.85
C GLN A 309 74.23 11.03 -11.80
N LEU A 310 73.41 10.18 -12.47
CA LEU A 310 71.95 10.28 -12.51
C LEU A 310 71.31 9.98 -11.15
N LYS A 311 71.98 9.15 -10.31
CA LYS A 311 71.53 8.79 -8.97
C LYS A 311 71.74 9.97 -8.00
N THR A 312 72.78 10.79 -8.25
CA THR A 312 73.14 11.98 -7.47
C THR A 312 72.06 13.07 -7.64
N THR A 313 71.60 13.31 -8.89
CA THR A 313 70.57 14.28 -9.24
C THR A 313 69.19 13.80 -8.74
N ARG A 314 68.97 12.47 -8.76
CA ARG A 314 67.73 11.83 -8.32
C ARG A 314 67.52 11.93 -6.80
N ASN A 315 68.60 11.87 -6.00
CA ASN A 315 68.54 11.94 -4.53
C ASN A 315 68.51 13.37 -3.98
N ALA A 316 68.89 14.37 -4.79
CA ALA A 316 68.95 15.77 -4.37
C ALA A 316 67.74 16.62 -4.80
N TYR A 317 67.31 16.51 -6.07
CA TYR A 317 66.19 17.30 -6.62
C TYR A 317 64.89 16.51 -6.79
N ILE A 318 64.98 15.25 -7.27
CA ILE A 318 63.83 14.38 -7.55
C ILE A 318 63.25 13.74 -6.27
N GLN A 319 64.11 13.22 -5.37
CA GLN A 319 63.68 12.58 -4.11
C GLN A 319 63.39 13.62 -3.00
N LYS A 320 62.85 14.78 -3.41
CA LYS A 320 62.45 15.91 -2.58
C LYS A 320 61.04 16.34 -3.02
N TYR A 321 60.77 16.28 -4.34
CA TYR A 321 59.49 16.62 -4.95
C TYR A 321 58.67 15.36 -5.28
N LEU A 322 59.30 14.36 -5.95
CA LEU A 322 58.68 13.06 -6.25
C LEU A 322 58.79 12.12 -5.03
N GLU A 323 59.25 12.69 -3.90
CA GLU A 323 59.41 12.09 -2.58
C GLU A 323 58.07 11.64 -2.02
N ASN A 324 57.06 12.50 -2.09
CA ASN A 324 55.73 12.22 -1.55
C ASN A 324 54.61 12.17 -2.59
N SER A 325 54.81 11.35 -3.63
CA SER A 325 53.79 11.11 -4.65
C SER A 325 53.02 9.83 -4.29
N GLU A 326 53.67 8.94 -3.52
CA GLU A 326 53.10 7.70 -3.03
C GLU A 326 52.18 8.01 -1.86
N LYS A 327 52.46 9.09 -1.12
CA LYS A 327 51.62 9.55 -0.02
C LYS A 327 50.35 10.20 -0.60
N LYS A 328 50.48 10.82 -1.79
CA LYS A 328 49.34 11.45 -2.48
C LYS A 328 48.37 10.40 -3.03
N ARG A 329 48.91 9.27 -3.50
CA ARG A 329 48.11 8.15 -3.99
C ARG A 329 47.27 7.56 -2.86
N LYS A 330 47.87 7.43 -1.66
CA LYS A 330 47.19 6.88 -0.49
C LYS A 330 46.04 7.75 -0.03
N ARG A 331 46.17 9.09 -0.15
CA ARG A 331 45.12 10.04 0.22
C ARG A 331 43.93 9.93 -0.70
N ALA A 332 44.19 9.67 -2.00
CA ALA A 332 43.12 9.55 -3.00
C ALA A 332 42.31 8.28 -2.75
N ILE A 333 42.99 7.18 -2.38
CA ILE A 333 42.35 5.90 -2.10
C ILE A 333 41.45 6.03 -0.88
N LYS A 334 41.98 6.60 0.22
CA LYS A 334 41.22 6.82 1.45
C LYS A 334 40.02 7.72 1.16
N LEU A 335 40.18 8.68 0.24
CA LEU A 335 39.11 9.57 -0.18
C LEU A 335 38.04 8.76 -0.90
N ALA A 336 38.46 7.85 -1.80
CA ALA A 336 37.54 6.97 -2.53
C ALA A 336 36.81 6.04 -1.57
N VAL A 337 37.48 5.61 -0.49
CA VAL A 337 36.87 4.75 0.52
C VAL A 337 35.85 5.58 1.28
N THR A 338 36.25 6.80 1.70
CA THR A 338 35.39 7.72 2.45
C THR A 338 34.09 7.98 1.69
N VAL A 339 34.19 8.30 0.40
CA VAL A 339 33.05 8.61 -0.45
C VAL A 339 32.16 7.39 -0.63
N ALA A 340 32.75 6.23 -0.90
CA ALA A 340 32.03 4.98 -1.10
C ALA A 340 31.21 4.63 0.13
N ALA A 341 31.76 4.83 1.33
CA ALA A 341 31.06 4.56 2.58
C ALA A 341 29.89 5.50 2.72
N MET A 342 30.06 6.77 2.31
CA MET A 342 29.02 7.78 2.36
C MET A 342 27.88 7.40 1.43
N TYR A 343 28.20 6.82 0.27
CA TYR A 343 27.19 6.37 -0.66
C TYR A 343 26.51 5.12 -0.14
N LEU A 344 27.29 4.19 0.43
CA LEU A 344 26.81 2.92 0.94
C LEU A 344 25.90 3.08 2.16
N ILE A 345 26.15 4.11 2.97
CA ILE A 345 25.41 4.32 4.20
C ILE A 345 24.34 5.40 4.09
N CYS A 346 24.71 6.56 3.52
CA CYS A 346 23.87 7.74 3.52
C CYS A 346 23.00 7.95 2.29
N PHE A 347 23.52 7.59 1.12
CA PHE A 347 22.82 7.90 -0.13
C PHE A 347 22.01 6.76 -0.71
N THR A 348 22.63 5.59 -0.86
CA THR A 348 21.99 4.41 -1.45
C THR A 348 20.82 3.89 -0.63
N PRO A 349 20.93 3.71 0.70
CA PRO A 349 19.77 3.20 1.44
C PRO A 349 18.61 4.17 1.40
N SER A 350 18.89 5.47 1.37
CA SER A 350 17.86 6.51 1.39
C SER A 350 17.08 6.59 0.08
N ASN A 351 17.79 6.84 -1.03
CA ASN A 351 17.17 7.00 -2.34
C ASN A 351 16.46 5.76 -2.83
N LEU A 352 17.04 4.58 -2.56
CA LEU A 352 16.45 3.31 -2.94
C LEU A 352 15.13 3.11 -2.21
N LEU A 353 15.13 3.27 -0.88
CA LEU A 353 13.95 3.08 -0.06
C LEU A 353 12.90 4.16 -0.27
N LEU A 354 13.33 5.39 -0.59
CA LEU A 354 12.39 6.48 -0.87
C LEU A 354 11.48 6.09 -2.01
N VAL A 355 12.03 5.40 -3.02
CA VAL A 355 11.27 4.91 -4.15
C VAL A 355 10.39 3.74 -3.68
N VAL A 356 11.00 2.80 -2.92
CA VAL A 356 10.31 1.61 -2.41
C VAL A 356 9.13 1.97 -1.51
N HIS A 357 9.36 2.90 -0.58
CA HIS A 357 8.35 3.35 0.38
C HIS A 357 7.10 3.86 -0.31
N TYR A 358 7.24 4.88 -1.16
CA TYR A 358 6.11 5.47 -1.86
C TYR A 358 5.52 4.53 -2.91
N PHE A 359 6.30 3.54 -3.36
CA PHE A 359 5.81 2.57 -4.33
C PHE A 359 4.78 1.65 -3.69
N LEU A 360 5.01 1.27 -2.42
CA LEU A 360 4.12 0.38 -1.70
C LEU A 360 2.85 1.09 -1.27
N ILE A 361 2.98 2.35 -0.85
CA ILE A 361 1.84 3.16 -0.46
C ILE A 361 0.96 3.41 -1.68
N LYS A 362 1.58 3.49 -2.86
CA LYS A 362 0.85 3.68 -4.11
C LYS A 362 0.17 2.38 -4.53
N SER A 363 0.77 1.23 -4.20
CA SER A 363 0.27 -0.07 -4.62
C SER A 363 -0.66 -0.74 -3.63
N GLN A 364 -0.42 -0.56 -2.34
CA GLN A 364 -1.19 -1.23 -1.29
C GLN A 364 -1.71 -0.29 -0.20
N GLY A 365 -1.19 0.93 -0.14
CA GLY A 365 -1.62 1.90 0.86
C GLY A 365 -0.80 1.87 2.13
N GLN A 366 0.12 0.91 2.22
CA GLN A 366 1.01 0.76 3.37
C GLN A 366 2.33 0.15 2.91
N SER A 367 3.40 0.43 3.64
CA SER A 367 4.70 -0.12 3.32
C SER A 367 5.34 -0.75 4.56
N HIS A 368 5.78 -2.00 4.42
CA HIS A 368 6.43 -2.73 5.51
C HIS A 368 7.88 -2.28 5.66
N VAL A 369 8.38 -1.53 4.68
CA VAL A 369 9.74 -0.99 4.70
C VAL A 369 9.77 0.34 5.45
N TYR A 370 8.66 0.69 6.11
CA TYR A 370 8.54 1.94 6.85
C TYR A 370 9.62 2.11 7.91
N ALA A 371 9.97 1.02 8.60
CA ALA A 371 11.01 1.03 9.62
C ALA A 371 12.37 1.21 8.98
N LEU A 372 12.61 0.54 7.85
CA LEU A 372 13.87 0.64 7.12
C LEU A 372 14.01 2.03 6.51
N TYR A 373 12.88 2.59 6.07
CA TYR A 373 12.79 3.94 5.51
C TYR A 373 13.22 4.97 6.55
N ILE A 374 12.86 4.74 7.82
CA ILE A 374 13.19 5.63 8.93
C ILE A 374 14.66 5.54 9.28
N VAL A 375 15.17 4.31 9.41
CA VAL A 375 16.57 4.05 9.70
C VAL A 375 17.43 4.62 8.59
N ALA A 376 16.97 4.45 7.33
CA ALA A 376 17.68 4.96 6.16
C ALA A 376 17.83 6.48 6.23
N LEU A 377 16.72 7.19 6.51
CA LEU A 377 16.71 8.64 6.61
C LEU A 377 17.58 9.13 7.76
N CYS A 378 17.68 8.33 8.82
CA CYS A 378 18.49 8.67 9.98
C CYS A 378 19.97 8.55 9.65
N LEU A 379 20.37 7.41 9.08
CA LEU A 379 21.76 7.15 8.72
C LEU A 379 22.23 8.07 7.61
N SER A 380 21.29 8.68 6.88
CA SER A 380 21.64 9.59 5.80
C SER A 380 22.27 10.86 6.34
N THR A 381 21.91 11.25 7.57
CA THR A 381 22.42 12.45 8.21
C THR A 381 23.87 12.30 8.64
N LEU A 382 24.40 11.08 8.57
CA LEU A 382 25.78 10.80 8.96
C LEU A 382 26.77 11.37 7.96
N ASN A 383 26.30 11.72 6.75
CA ASN A 383 27.14 12.29 5.71
C ASN A 383 27.90 13.52 6.20
N SER A 384 27.26 14.34 7.05
CA SER A 384 27.87 15.54 7.61
C SER A 384 28.91 15.19 8.69
N CYS A 385 28.94 13.92 9.14
CA CYS A 385 29.93 13.41 10.07
C CYS A 385 31.07 12.80 9.28
N ILE A 386 30.81 12.39 8.03
CA ILE A 386 31.82 11.79 7.17
C ILE A 386 32.48 12.88 6.34
N ASP A 387 31.76 13.98 6.11
CA ASP A 387 32.24 15.15 5.36
C ASP A 387 33.56 15.72 5.90
N PRO A 388 33.81 15.80 7.23
CA PRO A 388 35.11 16.29 7.68
C PRO A 388 36.29 15.43 7.22
N PHE A 389 36.08 14.12 7.03
CA PHE A 389 37.13 13.22 6.54
C PHE A 389 37.47 13.54 5.10
N VAL A 390 36.48 14.05 4.35
CA VAL A 390 36.66 14.45 2.96
C VAL A 390 37.55 15.67 2.88
N TYR A 391 37.31 16.66 3.74
CA TYR A 391 38.09 17.89 3.76
C TYR A 391 39.53 17.60 4.16
N TYR A 392 39.72 16.58 5.02
CA TYR A 392 41.04 16.20 5.51
C TYR A 392 41.92 15.62 4.41
N PHE A 393 41.31 14.88 3.48
CA PHE A 393 42.05 14.22 2.40
C PHE A 393 42.22 15.10 1.16
N VAL A 394 41.50 16.24 1.12
CA VAL A 394 41.55 17.17 0.00
C VAL A 394 42.27 18.45 0.38
N SER A 395 41.74 19.17 1.38
CA SER A 395 42.32 20.43 1.83
C SER A 395 43.57 20.19 2.65
N HIS A 396 44.64 20.92 2.30
CA HIS A 396 45.91 20.82 3.00
C HIS A 396 45.89 21.76 4.19
N ASP A 397 45.15 22.87 4.06
CA ASP A 397 44.99 23.87 5.12
C ASP A 397 44.08 23.36 6.23
N PHE A 398 43.12 22.50 5.87
CA PHE A 398 42.20 21.92 6.85
C PHE A 398 42.92 20.96 7.78
N ARG A 399 43.91 20.23 7.24
CA ARG A 399 44.72 19.29 8.01
C ARG A 399 45.45 19.99 9.15
N ASP A 400 46.05 21.16 8.85
CA ASP A 400 46.78 21.95 9.84
C ASP A 400 45.89 22.33 11.02
N HIS A 401 44.69 22.85 10.72
CA HIS A 401 43.75 23.25 11.75
C HIS A 401 43.13 22.04 12.44
N ALA A 402 43.11 20.89 11.74
CA ALA A 402 42.59 19.65 12.31
C ALA A 402 43.59 19.07 13.29
N LYS A 403 44.87 19.06 12.91
CA LYS A 403 45.95 18.51 13.72
C LYS A 403 46.26 19.38 14.93
N ASN A 404 46.33 20.71 14.74
CA ASN A 404 46.62 21.64 15.83
C ASN A 404 45.56 21.61 16.92
N ALA A 405 44.28 21.44 16.53
CA ALA A 405 43.18 21.38 17.48
C ALA A 405 43.28 20.15 18.36
N LEU A 406 43.72 19.02 17.78
CA LEU A 406 43.88 17.77 18.53
C LEU A 406 45.18 17.08 18.15
N GLU B 1 -6.17 -20.62 9.37
CA GLU B 1 -5.14 -19.68 9.79
C GLU B 1 -5.70 -18.69 10.80
N VAL B 2 -6.61 -17.80 10.36
CA VAL B 2 -7.27 -16.79 11.19
C VAL B 2 -8.79 -16.98 11.06
N ILE B 3 -9.47 -17.21 12.20
CA ILE B 3 -10.92 -17.42 12.24
C ILE B 3 -11.56 -16.60 13.39
N LEU B 4 -12.71 -15.97 13.11
CA LEU B 4 -13.46 -15.14 14.06
C LEU B 4 -14.92 -15.58 14.15
N VAL B 5 -15.49 -15.58 15.39
CA VAL B 5 -16.89 -15.96 15.64
C VAL B 5 -17.60 -14.96 16.54
N GLU B 6 -18.81 -14.54 16.11
CA GLU B 6 -19.66 -13.57 16.82
C GLU B 6 -20.70 -14.28 17.68
N SER B 7 -20.91 -13.77 18.91
CA SER B 7 -21.88 -14.33 19.86
C SER B 7 -22.72 -13.24 20.51
N GLY B 8 -24.03 -13.46 20.52
CA GLY B 8 -25.02 -12.55 21.08
C GLY B 8 -26.24 -12.41 20.17
N GLY B 9 -26.72 -11.19 20.03
CA GLY B 9 -27.87 -10.87 19.19
C GLY B 9 -29.20 -11.31 19.75
N GLY B 10 -30.04 -11.87 18.88
CA GLY B 10 -31.37 -12.35 19.23
C GLY B 10 -32.40 -11.24 19.33
N LEU B 11 -33.59 -11.55 19.87
CA LEU B 11 -34.69 -10.60 20.03
C LEU B 11 -34.41 -9.66 21.19
N VAL B 12 -34.29 -8.35 20.89
CA VAL B 12 -34.01 -7.28 21.86
C VAL B 12 -35.16 -6.26 21.84
N LYS B 13 -35.62 -5.83 23.04
CA LYS B 13 -36.69 -4.83 23.20
C LYS B 13 -36.16 -3.45 22.76
N PRO B 14 -36.89 -2.72 21.86
CA PRO B 14 -36.39 -1.40 21.41
C PRO B 14 -36.23 -0.38 22.54
N GLY B 15 -35.00 0.16 22.65
CA GLY B 15 -34.62 1.13 23.66
C GLY B 15 -33.99 0.49 24.88
N GLY B 16 -33.19 -0.55 24.64
CA GLY B 16 -32.50 -1.30 25.69
C GLY B 16 -30.99 -1.30 25.55
N SER B 17 -30.35 -2.36 26.08
CA SER B 17 -28.90 -2.54 26.05
C SER B 17 -28.51 -4.00 25.80
N LEU B 18 -27.49 -4.22 24.95
CA LEU B 18 -26.99 -5.55 24.61
C LEU B 18 -25.49 -5.54 24.33
N LYS B 19 -24.83 -6.69 24.55
CA LYS B 19 -23.39 -6.91 24.36
C LYS B 19 -23.16 -7.97 23.27
N LEU B 20 -22.15 -7.75 22.41
CA LEU B 20 -21.77 -8.68 21.34
C LEU B 20 -20.31 -9.09 21.54
N SER B 21 -20.05 -10.40 21.63
CA SER B 21 -18.70 -10.90 21.83
C SER B 21 -18.11 -11.50 20.55
N CYS B 22 -16.88 -11.07 20.20
CA CYS B 22 -16.14 -11.51 19.01
C CYS B 22 -14.87 -12.24 19.45
N ALA B 23 -14.83 -13.56 19.25
CA ALA B 23 -13.69 -14.40 19.61
C ALA B 23 -12.64 -14.41 18.51
N ALA B 24 -11.35 -14.32 18.89
CA ALA B 24 -10.22 -14.30 17.97
C ALA B 24 -9.24 -15.44 18.21
N SER B 25 -8.59 -15.94 17.13
CA SER B 25 -7.63 -17.04 17.16
C SER B 25 -6.71 -17.07 15.93
N GLY B 26 -5.46 -17.52 16.14
CA GLY B 26 -4.45 -17.66 15.09
C GLY B 26 -3.45 -16.53 14.95
N PHE B 27 -3.70 -15.39 15.64
CA PHE B 27 -2.85 -14.19 15.57
C PHE B 27 -2.66 -13.52 16.94
N THR B 28 -1.90 -12.40 16.97
CA THR B 28 -1.67 -11.58 18.17
C THR B 28 -2.68 -10.43 18.15
N PHE B 29 -3.73 -10.52 19.00
CA PHE B 29 -4.84 -9.57 19.12
C PHE B 29 -4.41 -8.10 19.27
N SER B 30 -3.41 -7.82 20.13
CA SER B 30 -2.89 -6.47 20.37
C SER B 30 -2.16 -5.89 19.15
N SER B 31 -1.53 -6.76 18.34
CA SER B 31 -0.75 -6.39 17.16
C SER B 31 -1.60 -5.99 15.93
N TYR B 32 -2.93 -6.13 15.99
CA TYR B 32 -3.83 -5.78 14.89
C TYR B 32 -5.06 -5.00 15.37
N ALA B 33 -5.48 -3.98 14.60
CA ALA B 33 -6.67 -3.16 14.91
C ALA B 33 -7.94 -3.95 14.58
N MET B 34 -9.02 -3.71 15.36
CA MET B 34 -10.30 -4.40 15.17
C MET B 34 -11.44 -3.45 14.83
N SER B 35 -12.51 -3.97 14.17
CA SER B 35 -13.67 -3.18 13.76
C SER B 35 -14.98 -4.01 13.66
N TRP B 36 -16.14 -3.32 13.73
CA TRP B 36 -17.48 -3.88 13.60
C TRP B 36 -18.20 -3.26 12.41
N VAL B 37 -18.75 -4.10 11.51
CA VAL B 37 -19.47 -3.67 10.30
C VAL B 37 -20.85 -4.36 10.24
N ARG B 38 -21.94 -3.58 10.13
CA ARG B 38 -23.30 -4.13 10.08
C ARG B 38 -23.85 -4.23 8.65
N GLN B 39 -24.78 -5.18 8.41
CA GLN B 39 -25.43 -5.38 7.12
C GLN B 39 -26.96 -5.43 7.30
N THR B 40 -27.66 -4.42 6.76
CA THR B 40 -29.11 -4.23 6.80
C THR B 40 -29.87 -5.37 6.08
N PRO B 41 -31.19 -5.60 6.33
CA PRO B 41 -31.91 -6.69 5.63
C PRO B 41 -31.90 -6.57 4.10
N GLU B 42 -31.67 -5.35 3.57
CA GLU B 42 -31.58 -5.06 2.13
C GLU B 42 -30.16 -5.36 1.57
N LYS B 43 -29.34 -6.11 2.35
CA LYS B 43 -27.97 -6.55 2.06
C LYS B 43 -27.03 -5.37 1.74
N ARG B 44 -27.13 -4.28 2.54
CA ARG B 44 -26.31 -3.08 2.39
C ARG B 44 -25.40 -2.91 3.62
N LEU B 45 -24.08 -3.00 3.39
CA LEU B 45 -23.06 -2.89 4.44
C LEU B 45 -22.86 -1.45 4.91
N GLU B 46 -22.59 -1.29 6.23
CA GLU B 46 -22.39 0.00 6.88
C GLU B 46 -21.37 -0.13 8.01
N TRP B 47 -20.43 0.84 8.11
CA TRP B 47 -19.41 0.88 9.15
C TRP B 47 -20.02 1.31 10.49
N VAL B 48 -19.61 0.65 11.59
CA VAL B 48 -20.12 0.94 12.93
C VAL B 48 -19.05 1.57 13.84
N ALA B 49 -17.93 0.86 14.09
CA ALA B 49 -16.84 1.31 14.95
C ALA B 49 -15.53 0.60 14.66
N THR B 50 -14.40 1.31 14.85
CA THR B 50 -13.05 0.78 14.67
C THR B 50 -12.20 1.18 15.88
N ILE B 51 -11.55 0.20 16.51
CA ILE B 51 -10.70 0.43 17.68
C ILE B 51 -9.23 0.12 17.34
N SER B 52 -8.32 1.04 17.73
CA SER B 52 -6.88 0.93 17.50
C SER B 52 -6.27 -0.16 18.39
N GLY B 53 -5.25 -0.84 17.86
CA GLY B 53 -4.56 -1.94 18.54
C GLY B 53 -3.73 -1.55 19.74
N ILE B 54 -3.24 -0.29 19.80
CA ILE B 54 -2.41 0.24 20.88
C ILE B 54 -3.19 0.34 22.21
N GLY B 55 -4.35 0.99 22.18
CA GLY B 55 -5.21 1.17 23.34
C GLY B 55 -6.62 1.61 23.03
N SER B 56 -7.31 2.15 24.05
CA SER B 56 -8.69 2.63 23.98
C SER B 56 -8.82 3.88 23.10
N TYR B 57 -8.85 3.66 21.77
CA TYR B 57 -8.98 4.74 20.77
C TYR B 57 -10.20 4.43 19.90
N THR B 58 -11.35 4.99 20.31
CA THR B 58 -12.65 4.79 19.70
C THR B 58 -13.08 5.94 18.79
N TYR B 59 -13.79 5.61 17.69
CA TYR B 59 -14.36 6.57 16.73
C TYR B 59 -15.55 5.96 15.99
N TYR B 60 -16.70 6.63 16.05
CA TYR B 60 -17.97 6.20 15.44
C TYR B 60 -18.53 7.30 14.52
N PRO B 61 -19.33 6.98 13.47
CA PRO B 61 -19.93 8.05 12.66
C PRO B 61 -21.07 8.75 13.42
N ASP B 62 -21.44 9.98 13.00
CA ASP B 62 -22.49 10.81 13.62
C ASP B 62 -23.77 10.07 14.02
N SER B 63 -24.26 9.15 13.16
CA SER B 63 -25.48 8.36 13.36
C SER B 63 -25.33 7.28 14.44
N VAL B 64 -24.11 6.77 14.65
CA VAL B 64 -23.79 5.70 15.61
C VAL B 64 -23.30 6.28 16.95
N LYS B 65 -22.46 7.34 16.90
CA LYS B 65 -21.85 8.05 18.04
C LYS B 65 -22.87 8.45 19.11
N GLY B 66 -22.49 8.27 20.37
CA GLY B 66 -23.32 8.60 21.53
C GLY B 66 -24.11 7.44 22.10
N ARG B 67 -24.24 6.34 21.33
CA ARG B 67 -24.99 5.15 21.74
C ARG B 67 -24.07 3.93 21.91
N PHE B 68 -23.40 3.53 20.82
CA PHE B 68 -22.49 2.38 20.77
C PHE B 68 -21.18 2.66 21.49
N THR B 69 -20.66 1.65 22.21
CA THR B 69 -19.41 1.71 22.96
C THR B 69 -18.61 0.45 22.65
N ILE B 70 -17.59 0.57 21.78
CA ILE B 70 -16.73 -0.55 21.39
C ILE B 70 -15.67 -0.82 22.48
N SER B 71 -15.80 -1.96 23.19
CA SER B 71 -14.90 -2.35 24.26
C SER B 71 -13.87 -3.37 23.75
N ARG B 72 -12.60 -3.20 24.16
CA ARG B 72 -11.48 -4.04 23.76
C ARG B 72 -10.84 -4.74 24.97
N ASP B 73 -10.48 -6.03 24.79
CA ASP B 73 -9.84 -6.85 25.82
C ASP B 73 -8.73 -7.69 25.18
N ASN B 74 -7.47 -7.26 25.38
CA ASN B 74 -6.30 -7.92 24.83
C ASN B 74 -5.93 -9.20 25.59
N ALA B 75 -6.05 -9.18 26.93
CA ALA B 75 -5.74 -10.31 27.82
C ALA B 75 -6.71 -11.48 27.65
N LYS B 76 -7.98 -11.20 27.33
CA LYS B 76 -9.03 -12.20 27.13
C LYS B 76 -9.21 -12.58 25.65
N ASN B 77 -8.60 -11.78 24.73
CA ASN B 77 -8.62 -11.95 23.26
C ASN B 77 -10.05 -11.94 22.67
N THR B 78 -10.99 -11.24 23.33
CA THR B 78 -12.39 -11.13 22.91
C THR B 78 -12.80 -9.66 22.74
N LEU B 79 -13.37 -9.32 21.57
CA LEU B 79 -13.81 -7.96 21.24
C LEU B 79 -15.29 -7.76 21.57
N TYR B 80 -15.62 -6.64 22.23
CA TYR B 80 -17.00 -6.32 22.62
C TYR B 80 -17.56 -5.08 21.90
N LEU B 81 -18.90 -4.98 21.86
CA LEU B 81 -19.64 -3.86 21.26
C LEU B 81 -20.97 -3.69 22.00
N GLN B 82 -20.99 -2.80 23.00
CA GLN B 82 -22.17 -2.51 23.81
C GLN B 82 -23.03 -1.39 23.25
N MET B 83 -24.36 -1.60 23.25
CA MET B 83 -25.34 -0.64 22.71
C MET B 83 -26.23 -0.06 23.81
N SER B 84 -26.76 1.14 23.57
CA SER B 84 -27.68 1.86 24.47
C SER B 84 -28.70 2.61 23.64
N SER B 85 -29.98 2.64 24.12
CA SER B 85 -31.13 3.27 23.45
C SER B 85 -31.29 2.76 22.00
N LEU B 86 -31.59 1.45 21.88
CA LEU B 86 -31.75 0.73 20.62
C LEU B 86 -32.96 1.18 19.81
N ARG B 87 -32.82 1.24 18.47
CA ARG B 87 -33.88 1.61 17.54
C ARG B 87 -34.17 0.45 16.58
N SER B 88 -35.29 0.53 15.84
CA SER B 88 -35.69 -0.49 14.87
C SER B 88 -34.80 -0.45 13.60
N GLU B 89 -34.02 0.62 13.44
CA GLU B 89 -33.07 0.81 12.34
C GLU B 89 -31.81 -0.04 12.56
N ASP B 90 -31.57 -0.46 13.82
CA ASP B 90 -30.43 -1.29 14.24
C ASP B 90 -30.57 -2.77 13.86
N THR B 91 -31.74 -3.17 13.32
CA THR B 91 -32.04 -4.54 12.87
C THR B 91 -31.12 -4.89 11.70
N ALA B 92 -29.94 -5.45 12.01
CA ALA B 92 -28.91 -5.80 11.02
C ALA B 92 -28.01 -6.94 11.47
N MET B 93 -27.27 -7.55 10.52
CA MET B 93 -26.32 -8.62 10.76
C MET B 93 -24.99 -7.95 11.10
N TYR B 94 -24.54 -8.05 12.36
CA TYR B 94 -23.30 -7.44 12.82
C TYR B 94 -22.10 -8.37 12.64
N TYR B 95 -21.16 -7.96 11.77
CA TYR B 95 -19.94 -8.70 11.47
C TYR B 95 -18.74 -8.11 12.20
N CYS B 96 -17.82 -8.99 12.63
CA CYS B 96 -16.58 -8.62 13.30
C CYS B 96 -15.46 -8.71 12.26
N SER B 97 -14.55 -7.72 12.24
CA SER B 97 -13.47 -7.69 11.26
C SER B 97 -12.14 -7.19 11.79
N ARG B 98 -11.04 -7.78 11.29
CA ARG B 98 -9.67 -7.42 11.65
C ARG B 98 -9.09 -6.47 10.62
N GLN B 99 -8.81 -5.23 11.03
CA GLN B 99 -8.22 -4.21 10.17
C GLN B 99 -6.70 -4.26 10.35
N ASP B 100 -5.99 -4.81 9.37
CA ASP B 100 -4.53 -4.94 9.41
C ASP B 100 -3.86 -3.59 9.21
N TYR B 101 -4.23 -2.87 8.13
CA TYR B 101 -3.73 -1.55 7.76
C TYR B 101 -4.88 -0.76 7.14
N TYR B 102 -4.72 0.59 6.94
CA TYR B 102 -5.79 1.39 6.32
C TYR B 102 -5.95 1.04 4.83
N GLY B 103 -4.83 0.74 4.18
CA GLY B 103 -4.77 0.37 2.77
C GLY B 103 -5.05 -1.11 2.54
N SER B 104 -4.99 -1.93 3.60
CA SER B 104 -5.26 -3.36 3.56
C SER B 104 -6.70 -3.63 3.99
N SER B 105 -7.26 -2.70 4.81
CA SER B 105 -8.62 -2.72 5.38
C SER B 105 -8.92 -4.03 6.13
N TYR B 106 -10.17 -4.52 6.02
CA TYR B 106 -10.62 -5.73 6.71
C TYR B 106 -10.26 -7.00 5.90
N ASP B 107 -9.04 -7.52 6.13
CA ASP B 107 -8.54 -8.74 5.45
C ASP B 107 -9.20 -10.02 5.95
N TYR B 108 -9.59 -10.05 7.24
CA TYR B 108 -10.25 -11.19 7.87
C TYR B 108 -11.56 -10.78 8.53
N TRP B 109 -12.65 -11.52 8.20
CA TRP B 109 -14.00 -11.27 8.71
C TRP B 109 -14.49 -12.42 9.59
N GLY B 110 -15.59 -12.19 10.30
CA GLY B 110 -16.20 -13.17 11.18
C GLY B 110 -17.20 -14.05 10.46
N GLN B 111 -18.39 -14.22 11.06
CA GLN B 111 -19.47 -15.03 10.49
C GLN B 111 -20.81 -14.29 10.50
N GLY B 112 -21.03 -13.48 11.53
CA GLY B 112 -22.24 -12.68 11.68
C GLY B 112 -23.16 -13.14 12.80
N THR B 113 -23.94 -12.19 13.35
CA THR B 113 -24.90 -12.43 14.42
C THR B 113 -26.20 -11.69 14.13
N THR B 114 -27.33 -12.43 14.12
CA THR B 114 -28.66 -11.90 13.82
C THR B 114 -29.20 -11.06 14.98
N LEU B 115 -29.58 -9.81 14.69
CA LEU B 115 -30.14 -8.89 15.68
C LEU B 115 -31.51 -8.40 15.20
N THR B 116 -32.57 -8.84 15.91
CA THR B 116 -33.94 -8.47 15.58
C THR B 116 -34.53 -7.61 16.70
N VAL B 117 -34.34 -6.29 16.59
CA VAL B 117 -34.83 -5.29 17.55
C VAL B 117 -36.34 -5.07 17.31
N SER B 118 -37.17 -5.75 18.11
CA SER B 118 -38.63 -5.69 18.02
C SER B 118 -39.28 -6.02 19.36
N SER B 119 -40.41 -5.35 19.65
CA SER B 119 -41.18 -5.54 20.88
C SER B 119 -42.23 -6.64 20.72
N ALA B 120 -42.44 -7.09 19.46
CA ALA B 120 -43.42 -8.13 19.08
C ALA B 120 -43.25 -9.44 19.84
N LYS B 121 -44.35 -9.89 20.46
CA LYS B 121 -44.45 -11.11 21.27
C LYS B 121 -44.11 -12.40 20.52
N THR B 122 -43.60 -13.41 21.24
CA THR B 122 -43.22 -14.72 20.70
C THR B 122 -44.49 -15.48 20.28
N THR B 123 -44.82 -15.42 18.99
CA THR B 123 -46.01 -16.06 18.41
C THR B 123 -45.69 -17.43 17.80
N ALA B 124 -46.54 -18.42 18.11
CA ALA B 124 -46.41 -19.80 17.64
C ALA B 124 -46.78 -19.92 16.14
N PRO B 125 -46.01 -20.70 15.34
CA PRO B 125 -46.32 -20.81 13.90
C PRO B 125 -47.56 -21.64 13.57
N SER B 126 -48.29 -21.22 12.53
CA SER B 126 -49.48 -21.91 12.06
C SER B 126 -49.20 -22.55 10.70
N VAL B 127 -49.29 -23.89 10.65
CA VAL B 127 -49.03 -24.70 9.45
C VAL B 127 -50.33 -25.08 8.77
N TYR B 128 -50.44 -24.82 7.46
CA TYR B 128 -51.63 -25.12 6.67
C TYR B 128 -51.32 -25.95 5.42
N PRO B 129 -51.90 -27.17 5.28
CA PRO B 129 -51.61 -27.99 4.09
C PRO B 129 -52.38 -27.53 2.86
N LEU B 130 -51.65 -27.26 1.77
CA LEU B 130 -52.24 -26.79 0.51
C LEU B 130 -52.05 -27.82 -0.59
N ALA B 131 -53.17 -28.19 -1.24
CA ALA B 131 -53.19 -29.23 -2.26
C ALA B 131 -53.95 -28.87 -3.54
N PRO B 132 -53.62 -29.54 -4.69
CA PRO B 132 -54.34 -29.29 -5.96
C PRO B 132 -55.86 -29.34 -5.85
N VAL B 133 -56.55 -28.56 -6.71
CA VAL B 133 -58.01 -28.41 -6.73
C VAL B 133 -58.74 -29.68 -7.26
N CYS B 134 -60.06 -29.79 -6.96
CA CYS B 134 -61.04 -30.81 -7.32
C CYS B 134 -60.84 -31.38 -8.72
N GLY B 135 -60.69 -32.70 -8.77
CA GLY B 135 -60.54 -33.48 -10.00
C GLY B 135 -59.37 -33.17 -10.90
N ASP B 136 -58.56 -32.13 -10.60
CA ASP B 136 -57.39 -31.78 -11.40
C ASP B 136 -56.16 -32.43 -10.82
N THR B 137 -55.85 -33.60 -11.35
CA THR B 137 -54.76 -34.48 -10.99
C THR B 137 -54.22 -35.05 -12.31
N THR B 138 -54.86 -34.64 -13.44
CA THR B 138 -54.54 -35.05 -14.81
C THR B 138 -53.35 -34.27 -15.38
N GLY B 139 -52.21 -34.37 -14.71
CA GLY B 139 -50.96 -33.72 -15.07
C GLY B 139 -49.75 -34.60 -14.86
N SER B 140 -48.70 -34.38 -15.67
CA SER B 140 -47.42 -35.12 -15.64
C SER B 140 -46.69 -34.88 -14.32
N SER B 141 -46.75 -33.61 -13.83
CA SER B 141 -46.13 -33.16 -12.59
C SER B 141 -47.16 -32.41 -11.76
N VAL B 142 -47.33 -32.84 -10.51
CA VAL B 142 -48.25 -32.27 -9.53
C VAL B 142 -47.47 -31.45 -8.48
N THR B 143 -47.81 -30.14 -8.35
CA THR B 143 -47.17 -29.24 -7.41
C THR B 143 -47.93 -29.21 -6.08
N LEU B 144 -47.21 -29.18 -4.95
CA LEU B 144 -47.78 -29.15 -3.60
C LEU B 144 -47.20 -27.98 -2.81
N GLY B 145 -48.05 -27.27 -2.08
CA GLY B 145 -47.65 -26.11 -1.30
C GLY B 145 -47.93 -26.20 0.19
N CYS B 146 -47.27 -25.32 0.96
CA CYS B 146 -47.40 -25.21 2.41
C CYS B 146 -47.21 -23.76 2.84
N LEU B 147 -47.99 -23.32 3.85
CA LEU B 147 -47.92 -21.95 4.36
C LEU B 147 -47.71 -21.88 5.88
N VAL B 148 -46.67 -21.15 6.30
CA VAL B 148 -46.33 -20.93 7.70
C VAL B 148 -46.57 -19.44 7.97
N LYS B 149 -47.80 -19.12 8.41
CA LYS B 149 -48.23 -17.74 8.68
C LYS B 149 -48.38 -17.45 10.17
N GLY B 150 -48.08 -16.21 10.55
CA GLY B 150 -48.20 -15.72 11.91
C GLY B 150 -47.21 -16.28 12.91
N TYR B 151 -45.91 -16.04 12.68
CA TYR B 151 -44.84 -16.47 13.58
C TYR B 151 -43.79 -15.40 13.80
N PHE B 152 -43.28 -15.29 15.03
CA PHE B 152 -42.27 -14.31 15.42
C PHE B 152 -41.46 -14.78 16.64
N PRO B 153 -40.11 -14.74 16.60
CA PRO B 153 -39.24 -14.27 15.51
C PRO B 153 -38.77 -15.39 14.57
N GLU B 154 -38.00 -15.03 13.53
CA GLU B 154 -37.42 -15.95 12.55
C GLU B 154 -36.16 -16.62 13.14
N PRO B 155 -35.67 -17.78 12.63
CA PRO B 155 -36.12 -18.58 11.48
C PRO B 155 -37.00 -19.78 11.86
N VAL B 156 -37.30 -20.64 10.85
CA VAL B 156 -38.07 -21.88 11.00
C VAL B 156 -37.43 -22.99 10.18
N THR B 157 -37.39 -24.21 10.75
CA THR B 157 -36.81 -25.37 10.09
C THR B 157 -37.92 -26.08 9.29
N LEU B 158 -37.90 -25.91 7.96
CA LEU B 158 -38.88 -26.53 7.06
C LEU B 158 -38.22 -27.57 6.17
N THR B 159 -38.65 -28.83 6.30
CA THR B 159 -38.18 -29.98 5.53
C THR B 159 -39.36 -30.88 5.17
N TRP B 160 -39.48 -31.24 3.89
CA TRP B 160 -40.55 -32.11 3.42
C TRP B 160 -40.19 -33.58 3.69
N ASN B 161 -41.05 -34.27 4.48
CA ASN B 161 -40.91 -35.67 4.92
C ASN B 161 -39.56 -35.90 5.64
N SER B 162 -39.27 -35.07 6.66
CA SER B 162 -38.05 -35.09 7.48
C SER B 162 -36.74 -35.01 6.65
N GLY B 163 -36.75 -34.17 5.62
CA GLY B 163 -35.62 -33.93 4.74
C GLY B 163 -35.24 -35.05 3.79
N SER B 164 -36.19 -35.95 3.50
CA SER B 164 -35.98 -37.09 2.59
C SER B 164 -35.94 -36.66 1.12
N LEU B 165 -36.59 -35.53 0.79
CA LEU B 165 -36.66 -35.00 -0.58
C LEU B 165 -36.29 -33.53 -0.69
N SER B 166 -35.54 -33.19 -1.75
CA SER B 166 -35.08 -31.82 -2.04
C SER B 166 -35.21 -31.47 -3.54
N SER B 167 -35.44 -32.50 -4.40
CA SER B 167 -35.60 -32.32 -5.84
C SER B 167 -36.91 -31.59 -6.15
N GLY B 168 -36.77 -30.42 -6.79
CA GLY B 168 -37.89 -29.56 -7.15
C GLY B 168 -38.54 -28.87 -5.96
N VAL B 169 -37.75 -28.62 -4.90
CA VAL B 169 -38.21 -27.96 -3.68
C VAL B 169 -37.65 -26.54 -3.61
N HIS B 170 -38.56 -25.55 -3.55
CA HIS B 170 -38.20 -24.13 -3.45
C HIS B 170 -38.75 -23.52 -2.16
N THR B 171 -37.86 -23.32 -1.17
CA THR B 171 -38.21 -22.75 0.13
C THR B 171 -38.00 -21.24 0.05
N PHE B 172 -39.11 -20.49 0.10
CA PHE B 172 -39.13 -19.03 0.00
C PHE B 172 -38.84 -18.34 1.34
N PRO B 173 -38.00 -17.29 1.38
CA PRO B 173 -37.71 -16.62 2.67
C PRO B 173 -38.87 -15.78 3.20
N ALA B 174 -38.98 -15.69 4.53
CA ALA B 174 -40.04 -14.92 5.19
C ALA B 174 -39.85 -13.42 5.08
N VAL B 175 -40.95 -12.69 4.88
CA VAL B 175 -40.96 -11.22 4.77
C VAL B 175 -41.76 -10.66 5.96
N LEU B 176 -41.14 -9.73 6.72
CA LEU B 176 -41.78 -9.11 7.88
C LEU B 176 -42.88 -8.14 7.44
N GLN B 177 -44.10 -8.39 7.92
CA GLN B 177 -45.29 -7.60 7.62
C GLN B 177 -46.26 -7.70 8.80
N SER B 178 -46.59 -6.56 9.43
CA SER B 178 -47.48 -6.42 10.59
C SER B 178 -46.99 -7.22 11.82
N ASP B 179 -45.65 -7.22 12.03
CA ASP B 179 -44.91 -7.90 13.13
C ASP B 179 -45.13 -9.43 13.15
N LEU B 180 -45.41 -10.04 11.98
CA LEU B 180 -45.62 -11.48 11.82
C LEU B 180 -45.02 -11.96 10.50
N TYR B 181 -44.05 -12.90 10.57
CA TYR B 181 -43.40 -13.46 9.39
C TYR B 181 -44.32 -14.45 8.65
N THR B 182 -44.24 -14.48 7.30
CA THR B 182 -45.02 -15.37 6.44
C THR B 182 -44.09 -16.16 5.52
N LEU B 183 -44.13 -17.50 5.63
CA LEU B 183 -43.28 -18.40 4.84
C LEU B 183 -44.10 -19.31 3.93
N SER B 184 -43.55 -19.62 2.74
CA SER B 184 -44.16 -20.48 1.72
C SER B 184 -43.12 -21.43 1.13
N SER B 185 -43.54 -22.65 0.73
CA SER B 185 -42.68 -23.66 0.14
C SER B 185 -43.42 -24.53 -0.88
N SER B 186 -42.84 -24.68 -2.08
CA SER B 186 -43.43 -25.47 -3.17
C SER B 186 -42.60 -26.70 -3.49
N VAL B 187 -43.27 -27.85 -3.69
CA VAL B 187 -42.65 -29.12 -4.04
C VAL B 187 -43.32 -29.72 -5.28
N THR B 188 -42.53 -29.92 -6.34
CA THR B 188 -43.01 -30.49 -7.61
C THR B 188 -42.67 -31.98 -7.64
N VAL B 189 -43.72 -32.83 -7.65
CA VAL B 189 -43.60 -34.30 -7.67
C VAL B 189 -44.32 -34.91 -8.89
N THR B 190 -43.94 -36.15 -9.25
CA THR B 190 -44.50 -36.90 -10.38
C THR B 190 -45.98 -37.26 -10.13
N SER B 191 -46.73 -37.59 -11.21
CA SER B 191 -48.14 -37.96 -11.18
C SER B 191 -48.40 -39.22 -10.34
N SER B 192 -47.49 -40.20 -10.42
CA SER B 192 -47.56 -41.47 -9.70
C SER B 192 -47.04 -41.37 -8.27
N THR B 193 -46.38 -40.26 -7.92
CA THR B 193 -45.82 -40.00 -6.60
C THR B 193 -46.93 -39.62 -5.60
N TRP B 194 -47.82 -38.68 -6.00
CA TRP B 194 -48.91 -38.20 -5.16
C TRP B 194 -50.28 -38.36 -5.88
N PRO B 195 -51.36 -38.81 -5.20
CA PRO B 195 -51.48 -39.12 -3.76
C PRO B 195 -51.29 -40.61 -3.41
N SER B 196 -50.18 -41.21 -3.88
CA SER B 196 -49.86 -42.61 -3.61
C SER B 196 -49.41 -42.81 -2.16
N GLN B 197 -48.35 -42.10 -1.74
CA GLN B 197 -47.80 -42.14 -0.39
C GLN B 197 -47.92 -40.74 0.24
N SER B 198 -47.98 -40.69 1.59
CA SER B 198 -48.11 -39.46 2.38
C SER B 198 -46.93 -38.50 2.21
N ILE B 199 -47.20 -37.32 1.64
CA ILE B 199 -46.22 -36.26 1.43
C ILE B 199 -46.50 -35.18 2.48
N THR B 200 -45.96 -35.39 3.70
CA THR B 200 -46.14 -34.50 4.85
C THR B 200 -45.04 -33.44 4.94
N CYS B 201 -45.35 -32.30 5.60
CA CYS B 201 -44.42 -31.20 5.79
C CYS B 201 -44.04 -31.05 7.28
N ASN B 202 -42.72 -31.02 7.57
CA ASN B 202 -42.20 -30.88 8.93
C ASN B 202 -41.74 -29.44 9.16
N VAL B 203 -42.43 -28.72 10.07
CA VAL B 203 -42.13 -27.33 10.42
C VAL B 203 -41.77 -27.24 11.91
N ALA B 204 -40.65 -26.58 12.24
CA ALA B 204 -40.18 -26.41 13.61
C ALA B 204 -39.75 -24.98 13.93
N HIS B 205 -40.13 -24.49 15.11
CA HIS B 205 -39.81 -23.15 15.61
C HIS B 205 -38.84 -23.28 16.80
N PRO B 206 -37.71 -22.55 16.80
CA PRO B 206 -36.75 -22.70 17.91
C PRO B 206 -37.04 -21.85 19.15
N ALA B 207 -37.45 -20.58 18.96
CA ALA B 207 -37.74 -19.63 20.04
C ALA B 207 -38.94 -20.05 20.90
N SER B 208 -40.08 -20.38 20.26
CA SER B 208 -41.29 -20.80 20.97
C SER B 208 -41.28 -22.30 21.28
N SER B 209 -40.33 -23.06 20.68
CA SER B 209 -40.13 -24.52 20.80
C SER B 209 -41.40 -25.31 20.44
N THR B 210 -41.85 -25.14 19.18
CA THR B 210 -43.05 -25.78 18.63
C THR B 210 -42.68 -26.55 17.35
N LYS B 211 -43.01 -27.85 17.31
CA LYS B 211 -42.76 -28.72 16.17
C LYS B 211 -44.11 -29.24 15.66
N VAL B 212 -44.49 -28.80 14.45
CA VAL B 212 -45.78 -29.15 13.83
C VAL B 212 -45.57 -29.90 12.50
N ASP B 213 -46.26 -31.05 12.34
CA ASP B 213 -46.23 -31.90 11.16
C ASP B 213 -47.65 -32.02 10.58
N LYS B 214 -47.89 -31.42 9.40
CA LYS B 214 -49.20 -31.42 8.75
C LYS B 214 -49.25 -32.35 7.54
N LYS B 215 -50.30 -33.20 7.50
CA LYS B 215 -50.53 -34.17 6.43
C LYS B 215 -51.26 -33.49 5.26
N ILE B 216 -50.64 -33.49 4.07
CA ILE B 216 -51.20 -32.89 2.87
C ILE B 216 -52.22 -33.86 2.26
N GLU B 217 -53.51 -33.44 2.22
CA GLU B 217 -54.63 -34.22 1.71
C GLU B 217 -55.31 -33.54 0.50
N PRO B 218 -55.78 -34.30 -0.52
CA PRO B 218 -56.42 -33.66 -1.69
C PRO B 218 -57.76 -33.00 -1.41
N ARG B 219 -58.44 -33.38 -0.30
CA ARG B 219 -59.73 -32.83 0.10
C ARG B 219 -59.68 -32.29 1.52
N GLN C 1 -17.50 12.25 4.10
CA GLN C 1 -18.57 11.36 3.67
C GLN C 1 -18.63 11.26 2.14
N ILE C 2 -17.88 10.29 1.57
CA ILE C 2 -17.84 10.04 0.13
C ILE C 2 -18.89 9.01 -0.22
N VAL C 3 -19.74 9.29 -1.21
CA VAL C 3 -20.80 8.37 -1.63
C VAL C 3 -20.29 7.45 -2.73
N LEU C 4 -20.33 6.13 -2.49
CA LEU C 4 -19.89 5.11 -3.45
C LEU C 4 -21.09 4.49 -4.17
N THR C 5 -21.14 4.67 -5.50
CA THR C 5 -22.22 4.15 -6.34
C THR C 5 -21.68 3.01 -7.21
N GLN C 6 -22.36 1.85 -7.16
CA GLN C 6 -21.98 0.69 -7.93
C GLN C 6 -22.90 0.51 -9.13
N SER C 7 -22.33 0.63 -10.34
CA SER C 7 -23.06 0.49 -11.60
C SER C 7 -22.51 -0.68 -12.44
N PRO C 8 -23.33 -1.73 -12.71
CA PRO C 8 -24.74 -1.91 -12.33
C PRO C 8 -24.93 -2.54 -10.94
N ALA C 9 -26.16 -2.44 -10.41
CA ALA C 9 -26.51 -3.01 -9.10
C ALA C 9 -26.78 -4.52 -9.23
N ILE C 10 -27.17 -4.96 -10.44
CA ILE C 10 -27.46 -6.36 -10.77
C ILE C 10 -27.11 -6.64 -12.24
N MET C 11 -26.33 -7.71 -12.50
CA MET C 11 -25.92 -8.06 -13.87
C MET C 11 -25.82 -9.57 -14.10
N SER C 12 -26.28 -9.99 -15.29
CA SER C 12 -26.27 -11.38 -15.75
C SER C 12 -25.16 -11.59 -16.76
N ALA C 13 -24.33 -12.62 -16.53
CA ALA C 13 -23.19 -12.93 -17.41
C ALA C 13 -22.99 -14.44 -17.54
N SER C 14 -22.84 -14.92 -18.79
CA SER C 14 -22.59 -16.33 -19.10
C SER C 14 -21.13 -16.69 -18.85
N LEU C 15 -20.85 -17.96 -18.56
CA LEU C 15 -19.51 -18.48 -18.27
C LEU C 15 -18.51 -18.29 -19.41
N GLY C 16 -17.35 -17.71 -19.07
CA GLY C 16 -16.26 -17.43 -20.00
C GLY C 16 -16.23 -16.04 -20.56
N GLU C 17 -17.03 -15.11 -19.98
CA GLU C 17 -17.13 -13.72 -20.42
C GLU C 17 -16.19 -12.77 -19.67
N ARG C 18 -15.84 -11.64 -20.32
CA ARG C 18 -15.00 -10.59 -19.73
C ARG C 18 -15.93 -9.71 -18.88
N VAL C 19 -16.09 -10.08 -17.61
CA VAL C 19 -16.97 -9.40 -16.66
C VAL C 19 -16.29 -8.17 -16.05
N THR C 20 -16.95 -7.00 -16.18
CA THR C 20 -16.49 -5.72 -15.64
C THR C 20 -17.58 -5.05 -14.81
N MET C 21 -17.22 -4.53 -13.64
CA MET C 21 -18.13 -3.83 -12.74
C MET C 21 -17.47 -2.62 -12.11
N THR C 22 -18.08 -1.44 -12.29
CA THR C 22 -17.54 -0.15 -11.82
C THR C 22 -18.03 0.28 -10.43
N CYS C 23 -17.24 1.16 -9.78
CA CYS C 23 -17.50 1.77 -8.48
C CYS C 23 -17.12 3.24 -8.57
N THR C 24 -18.13 4.12 -8.61
CA THR C 24 -17.95 5.57 -8.73
C THR C 24 -18.03 6.27 -7.38
N ALA C 25 -17.19 7.31 -7.18
CA ALA C 25 -17.11 8.11 -5.96
C ALA C 25 -17.50 9.56 -6.19
N SER C 26 -18.01 10.25 -5.14
CA SER C 26 -18.42 11.66 -5.21
C SER C 26 -17.21 12.58 -5.35
N SER C 27 -16.20 12.40 -4.48
CA SER C 27 -14.94 13.16 -4.47
C SER C 27 -13.77 12.23 -4.87
N SER C 28 -12.55 12.78 -4.99
CA SER C 28 -11.37 12.02 -5.38
C SER C 28 -10.76 11.22 -4.21
N ILE C 29 -10.69 9.89 -4.39
CA ILE C 29 -10.13 8.94 -3.41
C ILE C 29 -8.81 8.41 -3.99
N SER C 30 -7.81 8.16 -3.12
CA SER C 30 -6.53 7.60 -3.53
C SER C 30 -6.71 6.15 -3.97
N SER C 31 -5.90 5.69 -4.95
CA SER C 31 -5.92 4.31 -5.47
C SER C 31 -5.54 3.28 -4.38
N SER C 32 -4.97 3.78 -3.27
CA SER C 32 -4.52 3.06 -2.09
C SER C 32 -5.64 2.82 -1.07
N TYR C 33 -6.85 3.36 -1.33
CA TYR C 33 -7.97 3.25 -0.39
C TYR C 33 -9.18 2.44 -0.88
N LEU C 34 -9.30 2.16 -2.19
CA LEU C 34 -10.43 1.38 -2.67
C LEU C 34 -10.15 -0.12 -2.63
N HIS C 35 -10.96 -0.87 -1.87
CA HIS C 35 -10.82 -2.31 -1.70
C HIS C 35 -12.11 -3.05 -2.07
N TRP C 36 -11.98 -4.24 -2.68
CA TRP C 36 -13.10 -5.06 -3.10
C TRP C 36 -13.35 -6.25 -2.16
N TYR C 37 -14.63 -6.67 -2.07
CA TYR C 37 -15.07 -7.77 -1.21
C TYR C 37 -16.09 -8.67 -1.93
N GLN C 38 -15.95 -9.99 -1.78
CA GLN C 38 -16.88 -10.97 -2.38
C GLN C 38 -17.76 -11.56 -1.27
N GLN C 39 -19.10 -11.57 -1.49
CA GLN C 39 -20.06 -12.08 -0.51
C GLN C 39 -21.07 -13.07 -1.11
N LYS C 40 -21.01 -14.32 -0.62
CA LYS C 40 -21.93 -15.39 -1.01
C LYS C 40 -23.05 -15.48 0.04
N PRO C 41 -24.33 -15.68 -0.36
CA PRO C 41 -25.43 -15.71 0.63
C PRO C 41 -25.21 -16.64 1.83
N GLY C 42 -25.34 -16.05 3.02
CA GLY C 42 -25.14 -16.74 4.30
C GLY C 42 -23.78 -16.46 4.90
N SER C 43 -22.73 -16.48 4.05
CA SER C 43 -21.34 -16.25 4.43
C SER C 43 -21.00 -14.75 4.60
N SER C 44 -19.88 -14.46 5.29
CA SER C 44 -19.37 -13.12 5.54
C SER C 44 -18.66 -12.54 4.31
N PRO C 45 -18.67 -11.20 4.07
CA PRO C 45 -17.98 -10.65 2.90
C PRO C 45 -16.46 -10.63 3.10
N LYS C 46 -15.73 -11.54 2.43
CA LYS C 46 -14.28 -11.66 2.54
C LYS C 46 -13.52 -10.79 1.53
N LEU C 47 -12.32 -10.33 1.92
CA LEU C 47 -11.42 -9.48 1.12
C LEU C 47 -11.04 -10.15 -0.20
N TRP C 48 -11.09 -9.37 -1.30
CA TRP C 48 -10.78 -9.88 -2.63
C TRP C 48 -9.60 -9.14 -3.28
N ILE C 49 -9.77 -7.83 -3.56
CA ILE C 49 -8.73 -6.99 -4.17
C ILE C 49 -8.46 -5.79 -3.27
N TYR C 50 -7.29 -5.74 -2.60
CA TYR C 50 -6.94 -4.63 -1.73
C TYR C 50 -6.11 -3.56 -2.47
N SER C 51 -6.53 -2.28 -2.32
CA SER C 51 -5.95 -1.08 -2.94
C SER C 51 -5.91 -1.16 -4.47
N THR C 52 -7.13 -1.28 -5.06
CA THR C 52 -7.57 -1.33 -6.46
C THR C 52 -6.91 -2.42 -7.36
N SER C 53 -5.62 -2.76 -7.19
CA SER C 53 -4.96 -3.73 -8.06
C SER C 53 -4.47 -5.01 -7.37
N ASN C 54 -3.82 -4.88 -6.19
CA ASN C 54 -3.25 -6.00 -5.44
C ASN C 54 -4.30 -7.00 -4.96
N LEU C 55 -4.08 -8.30 -5.27
CA LEU C 55 -4.98 -9.40 -4.93
C LEU C 55 -4.65 -10.02 -3.58
N ALA C 56 -5.68 -10.46 -2.85
CA ALA C 56 -5.55 -11.11 -1.53
C ALA C 56 -5.13 -12.58 -1.68
N SER C 57 -4.77 -13.23 -0.54
CA SER C 57 -4.34 -14.63 -0.51
C SER C 57 -5.49 -15.57 -0.85
N GLY C 58 -5.23 -16.49 -1.78
CA GLY C 58 -6.19 -17.49 -2.24
C GLY C 58 -7.14 -17.02 -3.32
N VAL C 59 -6.93 -15.78 -3.84
CA VAL C 59 -7.76 -15.17 -4.89
C VAL C 59 -7.23 -15.61 -6.27
N PRO C 60 -8.09 -16.16 -7.17
CA PRO C 60 -7.61 -16.61 -8.49
C PRO C 60 -7.03 -15.51 -9.38
N ALA C 61 -6.14 -15.91 -10.30
CA ALA C 61 -5.44 -15.04 -11.26
C ALA C 61 -6.38 -14.35 -12.25
N ARG C 62 -7.58 -14.94 -12.50
CA ARG C 62 -8.61 -14.44 -13.41
C ARG C 62 -9.13 -13.03 -13.05
N PHE C 63 -9.00 -12.64 -11.76
CA PHE C 63 -9.39 -11.33 -11.24
C PHE C 63 -8.22 -10.36 -11.35
N SER C 64 -8.48 -9.16 -11.90
CA SER C 64 -7.47 -8.10 -12.07
C SER C 64 -8.12 -6.71 -12.06
N GLY C 65 -8.28 -6.16 -10.86
CA GLY C 65 -8.88 -4.84 -10.64
C GLY C 65 -8.05 -3.70 -11.18
N SER C 66 -8.71 -2.73 -11.84
CA SER C 66 -8.07 -1.55 -12.43
C SER C 66 -8.92 -0.30 -12.22
N GLY C 67 -8.25 0.84 -12.01
CA GLY C 67 -8.90 2.13 -11.81
C GLY C 67 -8.29 2.94 -10.69
N SER C 68 -8.29 4.30 -10.86
CA SER C 68 -7.73 5.24 -9.89
C SER C 68 -8.36 6.62 -9.95
N GLY C 69 -8.48 7.27 -8.78
CA GLY C 69 -9.04 8.61 -8.63
C GLY C 69 -10.52 8.61 -8.33
N THR C 70 -11.35 8.64 -9.38
CA THR C 70 -12.80 8.64 -9.30
C THR C 70 -13.35 7.33 -9.88
N SER C 71 -12.77 6.88 -11.00
CA SER C 71 -13.16 5.65 -11.70
C SER C 71 -12.38 4.45 -11.14
N TYR C 72 -13.11 3.41 -10.73
CA TYR C 72 -12.58 2.16 -10.18
C TYR C 72 -13.43 1.01 -10.70
N SER C 73 -12.79 -0.12 -11.08
CA SER C 73 -13.51 -1.27 -11.62
C SER C 73 -12.86 -2.63 -11.35
N LEU C 74 -13.70 -3.65 -11.14
CA LEU C 74 -13.28 -5.03 -10.93
C LEU C 74 -13.40 -5.73 -12.29
N THR C 75 -12.33 -6.42 -12.72
CA THR C 75 -12.28 -7.11 -14.01
C THR C 75 -12.01 -8.61 -13.84
N ILE C 76 -12.83 -9.44 -14.50
CA ILE C 76 -12.72 -10.91 -14.52
C ILE C 76 -12.48 -11.33 -15.98
N SER C 77 -11.34 -11.98 -16.25
CA SER C 77 -10.97 -12.42 -17.60
C SER C 77 -11.86 -13.57 -18.09
N SER C 78 -12.08 -14.59 -17.24
CA SER C 78 -12.91 -15.76 -17.55
C SER C 78 -13.97 -15.94 -16.47
N MET C 79 -15.26 -15.83 -16.85
CA MET C 79 -16.40 -15.97 -15.96
C MET C 79 -16.62 -17.45 -15.58
N GLU C 80 -16.79 -17.72 -14.28
CA GLU C 80 -17.04 -19.06 -13.74
C GLU C 80 -18.32 -19.10 -12.90
N ALA C 81 -18.79 -20.31 -12.55
CA ALA C 81 -20.00 -20.52 -11.76
C ALA C 81 -19.86 -20.02 -10.32
N GLU C 82 -18.68 -20.22 -9.70
CA GLU C 82 -18.39 -19.81 -8.32
C GLU C 82 -18.32 -18.28 -8.15
N ASP C 83 -18.14 -17.53 -9.26
CA ASP C 83 -18.06 -16.07 -9.27
C ASP C 83 -19.41 -15.40 -8.96
N ALA C 84 -20.53 -16.15 -9.08
CA ALA C 84 -21.90 -15.68 -8.82
C ALA C 84 -22.10 -15.32 -7.34
N ALA C 85 -21.79 -14.05 -7.01
CA ALA C 85 -21.88 -13.47 -5.66
C ALA C 85 -21.97 -11.93 -5.72
N THR C 86 -22.29 -11.29 -4.59
CA THR C 86 -22.37 -9.82 -4.50
C THR C 86 -20.98 -9.23 -4.24
N TYR C 87 -20.60 -8.19 -5.01
CA TYR C 87 -19.31 -7.52 -4.88
C TYR C 87 -19.47 -6.12 -4.33
N TYR C 88 -18.68 -5.77 -3.29
CA TYR C 88 -18.73 -4.46 -2.62
C TYR C 88 -17.39 -3.72 -2.68
N CYS C 89 -17.43 -2.40 -2.92
CA CYS C 89 -16.23 -1.56 -2.93
C CYS C 89 -16.21 -0.70 -1.66
N HIS C 90 -15.08 -0.69 -0.95
CA HIS C 90 -14.92 0.01 0.32
C HIS C 90 -13.82 1.07 0.26
N GLN C 91 -14.05 2.20 0.96
CA GLN C 91 -13.08 3.31 1.05
C GLN C 91 -12.73 3.62 2.51
N PHE C 92 -11.47 3.97 2.76
CA PHE C 92 -10.98 4.31 4.11
C PHE C 92 -10.34 5.72 4.13
N HIS C 93 -10.53 6.48 3.03
CA HIS C 93 -10.00 7.83 2.81
C HIS C 93 -10.54 8.87 3.79
N ARG C 94 -11.88 8.92 3.97
CA ARG C 94 -12.53 9.88 4.86
C ARG C 94 -13.64 9.22 5.68
N SER C 95 -13.68 9.52 6.98
CA SER C 95 -14.72 9.02 7.90
C SER C 95 -16.04 9.77 7.62
N PRO C 96 -17.20 9.07 7.52
CA PRO C 96 -17.42 7.63 7.69
C PRO C 96 -16.95 6.78 6.50
N TYR C 97 -16.32 5.63 6.83
CA TYR C 97 -15.79 4.68 5.85
C TYR C 97 -16.95 3.93 5.19
N THR C 98 -17.49 4.53 4.12
CA THR C 98 -18.65 4.05 3.35
C THR C 98 -18.35 2.82 2.50
N PHE C 99 -19.39 1.99 2.30
CA PHE C 99 -19.36 0.78 1.47
C PHE C 99 -20.21 1.01 0.22
N GLY C 100 -19.91 0.25 -0.83
CA GLY C 100 -20.63 0.32 -2.10
C GLY C 100 -22.01 -0.30 -2.05
N GLY C 101 -22.78 -0.07 -3.11
CA GLY C 101 -24.15 -0.57 -3.25
C GLY C 101 -24.24 -2.09 -3.28
N GLY C 102 -23.40 -2.70 -4.10
CA GLY C 102 -23.34 -4.15 -4.27
C GLY C 102 -23.77 -4.60 -5.65
N THR C 103 -22.81 -5.10 -6.44
CA THR C 103 -23.06 -5.60 -7.79
C THR C 103 -23.37 -7.10 -7.71
N LYS C 104 -24.68 -7.44 -7.78
CA LYS C 104 -25.14 -8.82 -7.71
C LYS C 104 -24.87 -9.50 -9.06
N LEU C 105 -23.91 -10.43 -9.07
CA LEU C 105 -23.50 -11.18 -10.26
C LEU C 105 -24.26 -12.50 -10.33
N GLU C 106 -24.93 -12.73 -11.47
CA GLU C 106 -25.73 -13.95 -11.73
C GLU C 106 -25.39 -14.61 -13.07
N ILE C 107 -25.62 -15.93 -13.16
CA ILE C 107 -25.34 -16.74 -14.34
C ILE C 107 -26.41 -16.51 -15.42
N LYS C 108 -25.98 -16.19 -16.66
CA LYS C 108 -26.89 -15.97 -17.80
C LYS C 108 -27.18 -17.31 -18.49
N ARG C 109 -28.44 -17.75 -18.44
CA ARG C 109 -28.92 -19.00 -19.03
C ARG C 109 -30.05 -18.74 -20.05
N ALA C 110 -30.68 -19.82 -20.56
CA ALA C 110 -31.79 -19.74 -21.51
C ALA C 110 -33.05 -19.30 -20.76
N ASP C 111 -33.79 -18.32 -21.32
CA ASP C 111 -35.02 -17.78 -20.74
C ASP C 111 -36.13 -18.84 -20.66
N ALA C 112 -36.65 -19.08 -19.44
CA ALA C 112 -37.67 -20.08 -19.17
C ALA C 112 -39.02 -19.46 -18.82
N ALA C 113 -40.12 -20.21 -19.11
CA ALA C 113 -41.49 -19.81 -18.83
C ALA C 113 -41.90 -20.23 -17.42
N PRO C 114 -42.50 -19.32 -16.61
CA PRO C 114 -42.89 -19.71 -15.24
C PRO C 114 -44.07 -20.68 -15.20
N THR C 115 -43.94 -21.77 -14.41
CA THR C 115 -44.99 -22.77 -14.25
C THR C 115 -45.93 -22.36 -13.10
N VAL C 116 -46.95 -21.56 -13.43
CA VAL C 116 -47.93 -21.02 -12.49
C VAL C 116 -48.89 -22.11 -12.00
N SER C 117 -49.01 -22.25 -10.67
CA SER C 117 -49.87 -23.23 -10.01
C SER C 117 -50.55 -22.60 -8.78
N ILE C 118 -51.89 -22.44 -8.84
CA ILE C 118 -52.69 -21.85 -7.77
C ILE C 118 -53.17 -22.90 -6.75
N PHE C 119 -53.32 -22.48 -5.48
CA PHE C 119 -53.76 -23.31 -4.36
C PHE C 119 -54.88 -22.63 -3.58
N PRO C 120 -56.01 -23.33 -3.32
CA PRO C 120 -57.10 -22.69 -2.55
C PRO C 120 -56.82 -22.73 -1.04
N PRO C 121 -57.41 -21.81 -0.22
CA PRO C 121 -57.16 -21.88 1.23
C PRO C 121 -57.53 -23.22 1.84
N SER C 122 -56.72 -23.69 2.79
CA SER C 122 -56.89 -24.96 3.48
C SER C 122 -58.17 -25.01 4.31
N SER C 123 -58.83 -26.18 4.35
CA SER C 123 -60.05 -26.43 5.12
C SER C 123 -59.79 -26.26 6.61
N GLU C 124 -58.56 -26.61 7.06
CA GLU C 124 -58.07 -26.47 8.43
C GLU C 124 -57.90 -24.98 8.77
N GLN C 125 -57.49 -24.15 7.77
CA GLN C 125 -57.31 -22.71 7.93
C GLN C 125 -58.67 -22.00 7.99
N LEU C 126 -59.57 -22.33 7.04
CA LEU C 126 -60.91 -21.75 6.90
C LEU C 126 -61.76 -21.93 8.17
N THR C 127 -61.72 -23.13 8.77
CA THR C 127 -62.47 -23.46 9.99
C THR C 127 -61.87 -22.73 11.21
N SER C 128 -60.53 -22.63 11.27
CA SER C 128 -59.81 -21.96 12.37
C SER C 128 -59.97 -20.44 12.37
N GLY C 129 -59.89 -19.82 11.19
CA GLY C 129 -60.01 -18.38 11.05
C GLY C 129 -59.94 -17.87 9.63
N GLY C 130 -58.78 -17.30 9.28
CA GLY C 130 -58.50 -16.71 7.97
C GLY C 130 -58.47 -17.68 6.79
N ALA C 131 -58.22 -17.13 5.60
CA ALA C 131 -58.16 -17.86 4.33
C ALA C 131 -57.12 -17.23 3.40
N SER C 132 -55.96 -17.90 3.23
CA SER C 132 -54.88 -17.41 2.38
C SER C 132 -54.81 -18.17 1.06
N VAL C 133 -54.88 -17.42 -0.06
CA VAL C 133 -54.81 -17.97 -1.42
C VAL C 133 -53.36 -17.91 -1.90
N VAL C 134 -52.68 -19.06 -1.90
CA VAL C 134 -51.27 -19.17 -2.29
C VAL C 134 -51.13 -19.56 -3.76
N CYS C 135 -50.22 -18.88 -4.48
CA CYS C 135 -49.93 -19.10 -5.89
C CYS C 135 -48.42 -19.16 -6.09
N PHE C 136 -47.93 -20.26 -6.71
CA PHE C 136 -46.51 -20.47 -6.95
C PHE C 136 -46.09 -20.33 -8.40
N LEU C 137 -44.91 -19.72 -8.61
CA LEU C 137 -44.29 -19.50 -9.91
C LEU C 137 -42.88 -20.08 -9.82
N ASN C 138 -42.62 -21.22 -10.51
CA ASN C 138 -41.32 -21.88 -10.43
C ASN C 138 -40.62 -22.03 -11.77
N ASN C 139 -39.27 -21.91 -11.75
CA ASN C 139 -38.35 -22.02 -12.87
C ASN C 139 -38.65 -21.04 -14.03
N PHE C 140 -38.00 -19.87 -13.99
CA PHE C 140 -38.13 -18.80 -14.99
C PHE C 140 -36.87 -17.92 -15.04
N TYR C 141 -36.59 -17.36 -16.23
CA TYR C 141 -35.44 -16.47 -16.43
C TYR C 141 -35.81 -15.29 -17.34
N PRO C 142 -35.46 -14.02 -17.00
CA PRO C 142 -34.67 -13.56 -15.84
C PRO C 142 -35.50 -13.35 -14.56
N LYS C 143 -34.92 -12.61 -13.58
CA LYS C 143 -35.54 -12.27 -12.30
C LYS C 143 -36.74 -11.33 -12.48
N ASP C 144 -36.80 -10.64 -13.64
CA ASP C 144 -37.86 -9.70 -14.02
C ASP C 144 -39.19 -10.43 -14.20
N ILE C 145 -40.10 -10.26 -13.22
CA ILE C 145 -41.44 -10.87 -13.20
C ILE C 145 -42.43 -10.02 -12.40
N ASN C 146 -43.73 -10.06 -12.78
CA ASN C 146 -44.80 -9.32 -12.12
C ASN C 146 -46.08 -10.15 -12.07
N VAL C 147 -46.63 -10.33 -10.87
CA VAL C 147 -47.87 -11.08 -10.63
C VAL C 147 -49.03 -10.13 -10.29
N LYS C 148 -50.26 -10.50 -10.68
CA LYS C 148 -51.45 -9.69 -10.43
C LYS C 148 -52.59 -10.52 -9.85
N TRP C 149 -53.14 -10.06 -8.70
CA TRP C 149 -54.24 -10.72 -8.02
C TRP C 149 -55.57 -10.07 -8.40
N LYS C 150 -56.52 -10.89 -8.89
CA LYS C 150 -57.84 -10.43 -9.31
C LYS C 150 -58.95 -11.30 -8.74
N ILE C 151 -59.95 -10.68 -8.09
CA ILE C 151 -61.10 -11.38 -7.53
C ILE C 151 -62.32 -11.02 -8.39
N ASP C 152 -62.75 -11.99 -9.23
CA ASP C 152 -63.87 -11.88 -10.19
C ASP C 152 -63.64 -10.74 -11.20
N GLY C 153 -62.40 -10.60 -11.65
CA GLY C 153 -61.97 -9.57 -12.60
C GLY C 153 -61.43 -8.33 -11.95
N SER C 154 -61.94 -7.97 -10.75
CA SER C 154 -61.54 -6.79 -9.97
C SER C 154 -60.14 -6.95 -9.40
N GLU C 155 -59.25 -5.99 -9.70
CA GLU C 155 -57.86 -5.96 -9.24
C GLU C 155 -57.81 -5.83 -7.71
N ARG C 156 -57.01 -6.69 -7.06
CA ARG C 156 -56.86 -6.70 -5.61
C ARG C 156 -55.42 -6.37 -5.21
N GLN C 157 -55.26 -5.32 -4.37
CA GLN C 157 -53.97 -4.85 -3.86
C GLN C 157 -53.85 -5.20 -2.37
N ASN C 158 -55.00 -5.24 -1.67
CA ASN C 158 -55.11 -5.58 -0.25
C ASN C 158 -54.90 -7.09 -0.04
N GLY C 159 -54.03 -7.44 0.91
CA GLY C 159 -53.72 -8.82 1.25
C GLY C 159 -52.64 -9.49 0.44
N VAL C 160 -52.09 -8.79 -0.57
CA VAL C 160 -51.04 -9.33 -1.44
C VAL C 160 -49.69 -9.36 -0.72
N LEU C 161 -49.11 -10.56 -0.58
CA LEU C 161 -47.82 -10.80 0.06
C LEU C 161 -46.92 -11.48 -0.98
N ASN C 162 -45.73 -10.90 -1.22
CA ASN C 162 -44.78 -11.43 -2.20
C ASN C 162 -43.43 -11.80 -1.60
N SER C 163 -42.92 -12.97 -2.00
CA SER C 163 -41.62 -13.51 -1.58
C SER C 163 -40.82 -13.93 -2.81
N TRP C 164 -39.52 -13.65 -2.80
CA TRP C 164 -38.64 -13.96 -3.93
C TRP C 164 -37.42 -14.75 -3.48
N THR C 165 -36.94 -15.67 -4.35
CA THR C 165 -35.76 -16.49 -4.11
C THR C 165 -34.62 -16.09 -5.03
N ASP C 166 -33.37 -16.34 -4.57
CA ASP C 166 -32.15 -16.07 -5.32
C ASP C 166 -31.94 -17.13 -6.41
N GLN C 167 -30.88 -16.97 -7.22
CA GLN C 167 -30.52 -17.90 -8.30
C GLN C 167 -30.14 -19.28 -7.75
N ASP C 168 -30.65 -20.34 -8.40
CA ASP C 168 -30.41 -21.73 -8.01
C ASP C 168 -28.95 -22.15 -8.26
N SER C 169 -28.48 -23.15 -7.50
CA SER C 169 -27.12 -23.68 -7.62
C SER C 169 -27.05 -24.80 -8.66
N LYS C 170 -28.19 -25.50 -8.89
CA LYS C 170 -28.29 -26.63 -9.80
C LYS C 170 -28.57 -26.25 -11.27
N ASP C 171 -29.61 -25.42 -11.52
CA ASP C 171 -29.98 -25.02 -12.89
C ASP C 171 -30.03 -23.51 -13.14
N SER C 172 -29.75 -22.68 -12.09
CA SER C 172 -29.71 -21.21 -12.11
C SER C 172 -31.05 -20.55 -12.51
N THR C 173 -32.18 -21.19 -12.15
CA THR C 173 -33.53 -20.68 -12.44
C THR C 173 -34.12 -19.95 -11.22
N TYR C 174 -34.96 -18.93 -11.48
CA TYR C 174 -35.60 -18.13 -10.44
C TYR C 174 -37.01 -18.60 -10.09
N SER C 175 -37.45 -18.33 -8.84
CA SER C 175 -38.77 -18.72 -8.34
C SER C 175 -39.45 -17.59 -7.54
N MET C 176 -40.78 -17.48 -7.66
CA MET C 176 -41.61 -16.47 -6.98
C MET C 176 -42.86 -17.09 -6.35
N SER C 177 -43.27 -16.60 -5.16
CA SER C 177 -44.46 -17.06 -4.45
C SER C 177 -45.33 -15.88 -4.02
N SER C 178 -46.61 -15.89 -4.40
CA SER C 178 -47.57 -14.84 -4.07
C SER C 178 -48.71 -15.38 -3.22
N THR C 179 -49.08 -14.64 -2.16
CA THR C 179 -50.16 -15.03 -1.23
C THR C 179 -51.19 -13.91 -1.07
N LEU C 180 -52.49 -14.27 -1.12
CA LEU C 180 -53.61 -13.34 -0.96
C LEU C 180 -54.36 -13.64 0.34
N THR C 181 -54.20 -12.75 1.34
CA THR C 181 -54.82 -12.89 2.66
C THR C 181 -56.25 -12.32 2.68
N LEU C 182 -57.22 -13.16 3.09
CA LEU C 182 -58.64 -12.82 3.20
C LEU C 182 -59.22 -13.49 4.47
N THR C 183 -60.40 -13.02 4.92
CA THR C 183 -61.09 -13.59 6.09
C THR C 183 -62.21 -14.55 5.66
N LYS C 184 -62.69 -15.41 6.59
CA LYS C 184 -63.76 -16.40 6.37
C LYS C 184 -65.06 -15.77 5.84
N ASP C 185 -65.43 -14.58 6.36
CA ASP C 185 -66.64 -13.86 5.98
C ASP C 185 -66.60 -13.24 4.57
N GLU C 186 -65.42 -12.77 4.12
CA GLU C 186 -65.28 -12.15 2.80
C GLU C 186 -64.96 -13.15 1.67
N TYR C 187 -64.38 -14.32 2.03
CA TYR C 187 -64.03 -15.37 1.07
C TYR C 187 -65.27 -16.04 0.45
N GLU C 188 -66.32 -16.24 1.28
CA GLU C 188 -67.59 -16.87 0.88
C GLU C 188 -68.42 -16.02 -0.11
N ARG C 189 -68.30 -14.68 -0.03
CA ARG C 189 -69.03 -13.73 -0.89
C ARG C 189 -68.59 -13.71 -2.37
N HIS C 190 -67.46 -14.35 -2.69
CA HIS C 190 -66.92 -14.41 -4.05
C HIS C 190 -66.89 -15.83 -4.61
N ASN C 191 -66.83 -15.97 -5.96
CA ASN C 191 -66.82 -17.28 -6.62
C ASN C 191 -65.51 -17.63 -7.32
N SER C 192 -65.00 -16.75 -8.21
CA SER C 192 -63.77 -16.98 -8.97
C SER C 192 -62.58 -16.16 -8.48
N TYR C 193 -61.37 -16.75 -8.54
CA TYR C 193 -60.12 -16.12 -8.13
C TYR C 193 -59.06 -16.23 -9.24
N THR C 194 -58.85 -15.11 -9.95
CA THR C 194 -57.93 -14.98 -11.09
C THR C 194 -56.51 -14.57 -10.64
N CYS C 195 -55.48 -15.01 -11.41
CA CYS C 195 -54.08 -14.69 -11.14
C CYS C 195 -53.26 -14.60 -12.44
N GLU C 196 -52.90 -13.37 -12.86
CA GLU C 196 -52.13 -13.09 -14.07
C GLU C 196 -50.63 -13.01 -13.74
N ALA C 197 -49.78 -13.50 -14.66
CA ALA C 197 -48.32 -13.52 -14.46
C ALA C 197 -47.53 -13.10 -15.72
N THR C 198 -47.18 -11.81 -15.82
CA THR C 198 -46.43 -11.25 -16.95
C THR C 198 -44.95 -11.63 -16.92
N HIS C 199 -44.42 -12.06 -18.08
CA HIS C 199 -43.03 -12.48 -18.26
C HIS C 199 -42.53 -12.19 -19.69
N LYS C 200 -41.20 -12.07 -19.86
CA LYS C 200 -40.53 -11.80 -21.14
C LYS C 200 -40.63 -12.96 -22.15
N THR C 201 -41.10 -14.16 -21.72
CA THR C 201 -41.24 -15.35 -22.57
C THR C 201 -42.40 -15.21 -23.59
N SER C 202 -43.52 -14.58 -23.19
CA SER C 202 -44.71 -14.39 -24.04
C SER C 202 -45.52 -13.16 -23.63
N THR C 203 -46.16 -12.49 -24.61
CA THR C 203 -46.98 -11.29 -24.41
C THR C 203 -48.24 -11.57 -23.59
N SER C 204 -48.81 -12.78 -23.71
CA SER C 204 -50.01 -13.21 -22.98
C SER C 204 -49.62 -13.91 -21.66
N PRO C 205 -49.84 -13.26 -20.49
CA PRO C 205 -49.48 -13.89 -19.20
C PRO C 205 -50.10 -15.25 -18.92
N ILE C 206 -49.35 -16.12 -18.21
CA ILE C 206 -49.80 -17.46 -17.82
C ILE C 206 -50.79 -17.31 -16.66
N VAL C 207 -52.07 -17.64 -16.92
CA VAL C 207 -53.16 -17.51 -15.94
C VAL C 207 -53.64 -18.87 -15.45
N LYS C 208 -53.64 -19.05 -14.12
CA LYS C 208 -54.12 -20.24 -13.43
C LYS C 208 -55.16 -19.79 -12.41
N SER C 209 -56.44 -20.14 -12.65
CA SER C 209 -57.57 -19.75 -11.82
C SER C 209 -58.41 -20.94 -11.38
N PHE C 210 -59.16 -20.79 -10.27
CA PHE C 210 -60.03 -21.82 -9.72
C PHE C 210 -61.43 -21.30 -9.38
N ASN C 211 -62.43 -22.20 -9.47
CA ASN C 211 -63.83 -21.89 -9.16
C ASN C 211 -64.25 -22.63 -7.88
N ARG C 212 -64.94 -21.93 -6.97
CA ARG C 212 -65.41 -22.49 -5.70
C ARG C 212 -66.54 -23.49 -5.91
N ASN C 213 -66.28 -24.76 -5.49
CA ASN C 213 -67.18 -25.93 -5.58
C ASN C 213 -67.54 -26.29 -7.04
#